data_8GJC
# 
_entry.id   8GJC 
# 
_audit_conform.dict_name       mmcif_pdbx.dic 
_audit_conform.dict_version    5.384 
_audit_conform.dict_location   http://mmcif.pdb.org/dictionaries/ascii/mmcif_pdbx.dic 
# 
loop_
_database_2.database_id 
_database_2.database_code 
_database_2.pdbx_database_accession 
_database_2.pdbx_DOI 
PDB   8GJC         pdb_00008gjc 10.2210/pdb8gjc/pdb 
WWPDB D_1000272394 ?            ?                   
# 
loop_
_pdbx_audit_revision_history.ordinal 
_pdbx_audit_revision_history.data_content_type 
_pdbx_audit_revision_history.major_revision 
_pdbx_audit_revision_history.minor_revision 
_pdbx_audit_revision_history.revision_date 
1 'Structure model' 1 0 2024-01-17 
2 'Structure model' 1 1 2024-01-31 
# 
_pdbx_audit_revision_details.ordinal             1 
_pdbx_audit_revision_details.revision_ordinal    1 
_pdbx_audit_revision_details.data_content_type   'Structure model' 
_pdbx_audit_revision_details.provider            repository 
_pdbx_audit_revision_details.type                'Initial release' 
_pdbx_audit_revision_details.description         ? 
_pdbx_audit_revision_details.details             ? 
# 
_pdbx_audit_revision_group.ordinal             1 
_pdbx_audit_revision_group.revision_ordinal    2 
_pdbx_audit_revision_group.data_content_type   'Structure model' 
_pdbx_audit_revision_group.group               'Database references' 
# 
loop_
_pdbx_audit_revision_category.ordinal 
_pdbx_audit_revision_category.revision_ordinal 
_pdbx_audit_revision_category.data_content_type 
_pdbx_audit_revision_category.category 
1 2 'Structure model' citation        
2 2 'Structure model' citation_author 
# 
loop_
_pdbx_audit_revision_item.ordinal 
_pdbx_audit_revision_item.revision_ordinal 
_pdbx_audit_revision_item.data_content_type 
_pdbx_audit_revision_item.item 
1 2 'Structure model' '_citation.journal_volume'          
2 2 'Structure model' '_citation.page_first'              
3 2 'Structure model' '_citation.page_last'               
4 2 'Structure model' '_citation_author.identifier_ORCID' 
# 
_pdbx_database_status.status_code                     REL 
_pdbx_database_status.status_code_sf                  REL 
_pdbx_database_status.status_code_mr                  ? 
_pdbx_database_status.entry_id                        8GJC 
_pdbx_database_status.recvd_initial_deposition_date   2023-03-15 
_pdbx_database_status.SG_entry                        N 
_pdbx_database_status.deposit_site                    RCSB 
_pdbx_database_status.process_site                    RCSB 
_pdbx_database_status.status_code_cs                  ? 
_pdbx_database_status.status_code_nmr_data            ? 
_pdbx_database_status.methods_development_category    ? 
_pdbx_database_status.pdb_format_compatible           Y 
# 
_pdbx_contact_author.id                 4 
_pdbx_contact_author.email              jsnowick@uci.edu 
_pdbx_contact_author.name_first         James 
_pdbx_contact_author.name_last          Nowick 
_pdbx_contact_author.name_mi            S 
_pdbx_contact_author.role               'principal investigator/group leader' 
_pdbx_contact_author.identifier_ORCID   0000-0002-2273-1029 
# 
loop_
_audit_author.name 
_audit_author.pdbx_ordinal 
_audit_author.identifier_ORCID 
'Kreutzer, A.G.'   1 0000-0002-9724-6298 
'Ruttenberg, S.M.' 2 0000-0003-4739-0619 
'Nowick, J.S.'     3 0000-0002-2273-1029 
# 
_citation.abstract                  ? 
_citation.abstract_id_CAS           ? 
_citation.book_id_ISBN              ? 
_citation.book_publisher            ? 
_citation.book_publisher_city       ? 
_citation.book_title                ? 
_citation.coordinate_linkage        ? 
_citation.country                   US 
_citation.database_id_Medline       ? 
_citation.details                   ? 
_citation.id                        primary 
_citation.journal_abbrev            Biochemistry 
_citation.journal_id_ASTM           BICHAW 
_citation.journal_id_CSD            0033 
_citation.journal_id_ISSN           0006-2960 
_citation.journal_full              ? 
_citation.journal_issue             ? 
_citation.journal_volume            63 
_citation.language                  ? 
_citation.page_first                212 
_citation.page_last                 218 
_citation.title                     'beta-Hairpin Alignment Alters Oligomer Formation in A beta-Derived Peptides.' 
_citation.year                      2024 
_citation.database_id_CSD           ? 
_citation.pdbx_database_id_DOI      10.1021/acs.biochem.3c00526 
_citation.pdbx_database_id_PubMed   38163326 
_citation.pdbx_database_id_patent   ? 
_citation.unpublished_flag          ? 
# 
loop_
_citation_author.citation_id 
_citation_author.name 
_citation_author.ordinal 
_citation_author.identifier_ORCID 
primary 'Ruttenberg, S.M.' 1 ? 
primary 'Kreutzer, A.G.'   2 ? 
primary 'Truex, N.L.'      3 ? 
primary 'Nowick, J.S.'     4 ? 
# 
loop_
_entity.id 
_entity.type 
_entity.src_method 
_entity.pdbx_description 
_entity.formula_weight 
_entity.pdbx_number_of_molecules 
_entity.pdbx_ec 
_entity.pdbx_mutation 
_entity.pdbx_fragment 
_entity.details 
1 polymer     syn 'beta-hairpin peptide derived from Abeta 17-35' 1606.903 2  ? ? ? ? 
2 non-polymer syn METHIONINE                                      149.211  2  ? ? ? ? 
3 non-polymer syn 'trifluoroacetic acid'                          114.023  3  ? ? ? ? 
4 non-polymer syn 'DI(HYDROXYETHYL)ETHER'                         106.120  1  ? ? ? ? 
5 water       nat water                                           18.015   31 ? ? ? ? 
# 
_entity_name_com.entity_id   1 
_entity_name_com.name        '(ORN)LVFFAED(ORN)GAI(N-Me-Ile)GLM' 
# 
_entity_poly.entity_id                      1 
_entity_poly.type                           'polypeptide(L)' 
_entity_poly.nstd_linkage                   no 
_entity_poly.nstd_monomer                   yes 
_entity_poly.pdbx_seq_one_letter_code       '(ORN)LVFFAED(ORN)GAI(IML)GL' 
_entity_poly.pdbx_seq_one_letter_code_can   ALVFFAEDAGAIIGL 
_entity_poly.pdbx_strand_id                 A,B 
_entity_poly.pdbx_target_identifier         ? 
# 
loop_
_pdbx_entity_nonpoly.entity_id 
_pdbx_entity_nonpoly.name 
_pdbx_entity_nonpoly.comp_id 
2 METHIONINE              MET 
3 'trifluoroacetic acid'  TFA 
4 'DI(HYDROXYETHYL)ETHER' PEG 
5 water                   HOH 
# 
loop_
_entity_poly_seq.entity_id 
_entity_poly_seq.num 
_entity_poly_seq.mon_id 
_entity_poly_seq.hetero 
1 1  ORN n 
1 2  LEU n 
1 3  VAL n 
1 4  PHE n 
1 5  PHE n 
1 6  ALA n 
1 7  GLU n 
1 8  ASP n 
1 9  ORN n 
1 10 GLY n 
1 11 ALA n 
1 12 ILE n 
1 13 IML n 
1 14 GLY n 
1 15 LEU n 
# 
_pdbx_entity_src_syn.entity_id              1 
_pdbx_entity_src_syn.pdbx_src_id            1 
_pdbx_entity_src_syn.pdbx_alt_source_flag   sample 
_pdbx_entity_src_syn.pdbx_beg_seq_num       1 
_pdbx_entity_src_syn.pdbx_end_seq_num       15 
_pdbx_entity_src_syn.organism_scientific    'synthetic construct' 
_pdbx_entity_src_syn.organism_common_name   ? 
_pdbx_entity_src_syn.ncbi_taxonomy_id       32630 
_pdbx_entity_src_syn.details                ? 
# 
loop_
_chem_comp.id 
_chem_comp.type 
_chem_comp.mon_nstd_flag 
_chem_comp.name 
_chem_comp.pdbx_synonyms 
_chem_comp.formula 
_chem_comp.formula_weight 
ALA 'L-peptide linking' y ALANINE                 ? 'C3 H7 N O2'    89.093  
ASP 'L-peptide linking' y 'ASPARTIC ACID'         ? 'C4 H7 N O4'    133.103 
GLU 'L-peptide linking' y 'GLUTAMIC ACID'         ? 'C5 H9 N O4'    147.129 
GLY 'peptide linking'   y GLYCINE                 ? 'C2 H5 N O2'    75.067  
HOH non-polymer         . WATER                   ? 'H2 O'          18.015  
ILE 'L-peptide linking' y ISOLEUCINE              ? 'C6 H13 N O2'   131.173 
IML 'L-peptide linking' n N-METHYL-ISOLEUCINE     ? 'C7 H15 N O2'   145.199 
LEU 'L-peptide linking' y LEUCINE                 ? 'C6 H13 N O2'   131.173 
MET 'L-peptide linking' y METHIONINE              ? 'C5 H11 N O2 S' 149.211 
ORN 'L-peptide linking' n L-ornithine             ? 'C5 H12 N2 O2'  132.161 
PEG non-polymer         . 'DI(HYDROXYETHYL)ETHER' ? 'C4 H10 O3'     106.120 
PHE 'L-peptide linking' y PHENYLALANINE           ? 'C9 H11 N O2'   165.189 
TFA non-polymer         . 'trifluoroacetic acid'  ? 'C2 H F3 O2'    114.023 
VAL 'L-peptide linking' y VALINE                  ? 'C5 H11 N O2'   117.146 
# 
loop_
_pdbx_poly_seq_scheme.asym_id 
_pdbx_poly_seq_scheme.entity_id 
_pdbx_poly_seq_scheme.seq_id 
_pdbx_poly_seq_scheme.mon_id 
_pdbx_poly_seq_scheme.ndb_seq_num 
_pdbx_poly_seq_scheme.pdb_seq_num 
_pdbx_poly_seq_scheme.auth_seq_num 
_pdbx_poly_seq_scheme.pdb_mon_id 
_pdbx_poly_seq_scheme.auth_mon_id 
_pdbx_poly_seq_scheme.pdb_strand_id 
_pdbx_poly_seq_scheme.pdb_ins_code 
_pdbx_poly_seq_scheme.hetero 
A 1 1  ORN 1  1  1  ORN ORN A . n 
A 1 2  LEU 2  2  2  LEU LEU A . n 
A 1 3  VAL 3  3  3  VAL VAL A . n 
A 1 4  PHE 4  4  4  PHE PHE A . n 
A 1 5  PHE 5  5  5  PHE PHE A . n 
A 1 6  ALA 6  6  6  ALA ALA A . n 
A 1 7  GLU 7  7  7  GLU GLU A . n 
A 1 8  ASP 8  8  8  ASP ASP A . n 
A 1 9  ORN 9  9  9  ORN ORN A . n 
A 1 10 GLY 10 10 10 GLY GLY A . n 
A 1 11 ALA 11 11 11 ALA ALA A . n 
A 1 12 ILE 12 12 12 ILE ILE A . n 
A 1 13 IML 13 13 13 IML IML A . n 
A 1 14 GLY 14 14 14 GLY GLY A . n 
A 1 15 LEU 15 15 15 LEU LEU A . n 
B 1 1  ORN 1  1  1  ORN ORN B . n 
B 1 2  LEU 2  2  2  LEU LEU B . n 
B 1 3  VAL 3  3  3  VAL VAL B . n 
B 1 4  PHE 4  4  4  PHE PHE B . n 
B 1 5  PHE 5  5  5  PHE PHE B . n 
B 1 6  ALA 6  6  6  ALA ALA B . n 
B 1 7  GLU 7  7  7  GLU GLU B . n 
B 1 8  ASP 8  8  8  ASP ASP B . n 
B 1 9  ORN 9  9  9  ORN ORN B . n 
B 1 10 GLY 10 10 10 GLY GLY B . n 
B 1 11 ALA 11 11 11 ALA ALA B . n 
B 1 12 ILE 12 12 12 ILE ILE B . n 
B 1 13 IML 13 13 13 IML IML B . n 
B 1 14 GLY 14 14 14 GLY GLY B . n 
B 1 15 LEU 15 15 15 LEU LEU B . n 
# 
loop_
_pdbx_nonpoly_scheme.asym_id 
_pdbx_nonpoly_scheme.entity_id 
_pdbx_nonpoly_scheme.mon_id 
_pdbx_nonpoly_scheme.ndb_seq_num 
_pdbx_nonpoly_scheme.pdb_seq_num 
_pdbx_nonpoly_scheme.auth_seq_num 
_pdbx_nonpoly_scheme.pdb_mon_id 
_pdbx_nonpoly_scheme.auth_mon_id 
_pdbx_nonpoly_scheme.pdb_strand_id 
_pdbx_nonpoly_scheme.pdb_ins_code 
C 2 MET 1  101 16 MET MET A . 
D 3 TFA 1  102 1  TFA TFA A . 
E 3 TFA 1  103 2  TFA TFA A . 
F 2 MET 1  101 16 MET MET B . 
G 3 TFA 1  102 3  TFA TFA B . 
H 4 PEG 1  103 1  PEG PEG B . 
I 5 HOH 1  201 24 HOH HOH A . 
I 5 HOH 2  202 30 HOH HOH A . 
I 5 HOH 3  203 27 HOH HOH A . 
I 5 HOH 4  204 5  HOH HOH A . 
I 5 HOH 5  205 4  HOH HOH A . 
I 5 HOH 6  206 12 HOH HOH A . 
I 5 HOH 7  207 14 HOH HOH A . 
I 5 HOH 8  208 31 HOH HOH A . 
I 5 HOH 9  209 3  HOH HOH A . 
I 5 HOH 10 210 6  HOH HOH A . 
I 5 HOH 11 211 7  HOH HOH A . 
I 5 HOH 12 212 8  HOH HOH A . 
I 5 HOH 13 213 10 HOH HOH A . 
I 5 HOH 14 214 16 HOH HOH A . 
I 5 HOH 15 215 13 HOH HOH A . 
I 5 HOH 16 216 26 HOH HOH A . 
I 5 HOH 17 217 29 HOH HOH A . 
J 5 HOH 1  201 18 HOH HOH B . 
J 5 HOH 2  202 25 HOH HOH B . 
J 5 HOH 3  203 11 HOH HOH B . 
J 5 HOH 4  204 19 HOH HOH B . 
J 5 HOH 5  205 1  HOH HOH B . 
J 5 HOH 6  206 20 HOH HOH B . 
J 5 HOH 7  207 21 HOH HOH B . 
J 5 HOH 8  208 28 HOH HOH B . 
J 5 HOH 9  209 15 HOH HOH B . 
J 5 HOH 10 210 22 HOH HOH B . 
J 5 HOH 11 211 9  HOH HOH B . 
J 5 HOH 12 212 2  HOH HOH B . 
J 5 HOH 13 213 23 HOH HOH B . 
J 5 HOH 14 214 17 HOH HOH B . 
# 
loop_
_software.citation_id 
_software.classification 
_software.compiler_name 
_software.compiler_version 
_software.contact_author 
_software.contact_author_email 
_software.date 
_software.description 
_software.dependencies 
_software.hardware 
_software.language 
_software.location 
_software.mods 
_software.name 
_software.os 
_software.os_version 
_software.type 
_software.version 
_software.pdbx_ordinal 
? refinement       ? ? ? ? ? ? ? ? ? ? ? PHENIX  ? ? ? 1.20.1_4487 1 
? 'data reduction' ? ? ? ? ? ? ? ? ? ? ? XDS     ? ? ? .           2 
? 'data scaling'   ? ? ? ? ? ? ? ? ? ? ? Aimless ? ? ? .           3 
? phasing          ? ? ? ? ? ? ? ? ? ? ? PHENIX  ? ? ? .           4 
# 
_cell.angle_alpha                  90.00 
_cell.angle_alpha_esd              ? 
_cell.angle_beta                   90.00 
_cell.angle_beta_esd               ? 
_cell.angle_gamma                  120.00 
_cell.angle_gamma_esd              ? 
_cell.entry_id                     8GJC 
_cell.details                      ? 
_cell.formula_units_Z              ? 
_cell.length_a                     38.164 
_cell.length_a_esd                 ? 
_cell.length_b                     38.164 
_cell.length_b_esd                 ? 
_cell.length_c                     32.054 
_cell.length_c_esd                 ? 
_cell.volume                       ? 
_cell.volume_esd                   ? 
_cell.Z_PDB                        12 
_cell.reciprocal_angle_alpha       ? 
_cell.reciprocal_angle_beta        ? 
_cell.reciprocal_angle_gamma       ? 
_cell.reciprocal_angle_alpha_esd   ? 
_cell.reciprocal_angle_beta_esd    ? 
_cell.reciprocal_angle_gamma_esd   ? 
_cell.reciprocal_length_a          ? 
_cell.reciprocal_length_b          ? 
_cell.reciprocal_length_c          ? 
_cell.reciprocal_length_a_esd      ? 
_cell.reciprocal_length_b_esd      ? 
_cell.reciprocal_length_c_esd      ? 
_cell.pdbx_unique_axis             ? 
_cell.pdbx_esd_method              ? 
# 
_symmetry.entry_id                         8GJC 
_symmetry.cell_setting                     ? 
_symmetry.Int_Tables_number                154 
_symmetry.space_group_name_Hall            ? 
_symmetry.space_group_name_H-M             'P 32 2 1' 
_symmetry.pdbx_full_space_group_name_H-M   ? 
# 
_exptl.absorpt_coefficient_mu     ? 
_exptl.absorpt_correction_T_max   ? 
_exptl.absorpt_correction_T_min   ? 
_exptl.absorpt_correction_type    ? 
_exptl.absorpt_process_details    ? 
_exptl.entry_id                   8GJC 
_exptl.crystals_number            1 
_exptl.details                    ? 
_exptl.method                     'X-RAY DIFFRACTION' 
_exptl.method_details             ? 
# 
_exptl_crystal.colour                       ? 
_exptl_crystal.density_diffrn               ? 
_exptl_crystal.density_Matthews             2.10 
_exptl_crystal.density_method               ? 
_exptl_crystal.density_percent_sol          41.34 
_exptl_crystal.description                  ? 
_exptl_crystal.F_000                        ? 
_exptl_crystal.id                           1 
_exptl_crystal.preparation                  ? 
_exptl_crystal.size_max                     ? 
_exptl_crystal.size_mid                     ? 
_exptl_crystal.size_min                     ? 
_exptl_crystal.size_rad                     ? 
_exptl_crystal.colour_lustre                ? 
_exptl_crystal.colour_modifier              ? 
_exptl_crystal.colour_primary               ? 
_exptl_crystal.density_meas                 ? 
_exptl_crystal.density_meas_esd             ? 
_exptl_crystal.density_meas_gt              ? 
_exptl_crystal.density_meas_lt              ? 
_exptl_crystal.density_meas_temp            ? 
_exptl_crystal.density_meas_temp_esd        ? 
_exptl_crystal.density_meas_temp_gt         ? 
_exptl_crystal.density_meas_temp_lt         ? 
_exptl_crystal.pdbx_crystal_image_url       ? 
_exptl_crystal.pdbx_crystal_image_format    ? 
_exptl_crystal.pdbx_mosaicity               ? 
_exptl_crystal.pdbx_mosaicity_esd           ? 
_exptl_crystal.pdbx_mosaic_method           ? 
_exptl_crystal.pdbx_mosaic_block_size       ? 
_exptl_crystal.pdbx_mosaic_block_size_esd   ? 
# 
_exptl_crystal_grow.apparatus       ? 
_exptl_crystal_grow.atmosphere      ? 
_exptl_crystal_grow.crystal_id      1 
_exptl_crystal_grow.details         ? 
_exptl_crystal_grow.method          'VAPOR DIFFUSION, HANGING DROP' 
_exptl_crystal_grow.method_ref      ? 
_exptl_crystal_grow.pH              ? 
_exptl_crystal_grow.pressure        ? 
_exptl_crystal_grow.pressure_esd    ? 
_exptl_crystal_grow.seeding         ? 
_exptl_crystal_grow.seeding_ref     ? 
_exptl_crystal_grow.temp_details    ? 
_exptl_crystal_grow.temp_esd        ? 
_exptl_crystal_grow.time            ? 
_exptl_crystal_grow.pdbx_details    
;Molecular Dynamics Morpheus solution containing 0.12M ethylene glycols mix, 0.1M Buffer System 3 pH 8.5, and 37.5% v/v precipitant mix 4. Molecular Dynamics ethylene glycols mix consists of 0.3 M diethylene glycol, 0.3 M triethylene glycol, 0.3 M tetraethylene glycol, 0.3 M penta(ethylene glycol). Molecular Dynamics Buffer System 3 consists of 1 M BICINE and 1 M Trisma Base. Molecular Dynamics precipitant mix 4 consists of 25 % w/v hexylene glycol, 25 % w/v poly(ethylene glycol) 1000, and 25 % w/v poly(ethylene glycol) 3350.
;
_exptl_crystal_grow.pdbx_pH_range   ? 
_exptl_crystal_grow.temp            298.15 
# 
_diffrn.ambient_environment              ? 
_diffrn.ambient_temp                     103.15 
_diffrn.ambient_temp_details             ? 
_diffrn.ambient_temp_esd                 ? 
_diffrn.crystal_id                       1 
_diffrn.crystal_support                  ? 
_diffrn.crystal_treatment                ? 
_diffrn.details                          ? 
_diffrn.id                               1 
_diffrn.ambient_pressure                 ? 
_diffrn.ambient_pressure_esd             ? 
_diffrn.ambient_pressure_gt              ? 
_diffrn.ambient_pressure_lt              ? 
_diffrn.ambient_temp_gt                  ? 
_diffrn.ambient_temp_lt                  ? 
_diffrn.pdbx_serial_crystal_experiment   N 
# 
_diffrn_detector.details                      ? 
_diffrn_detector.detector                     PIXEL 
_diffrn_detector.diffrn_id                    1 
_diffrn_detector.type                         'DECTRIS PILATUS3 6M' 
_diffrn_detector.area_resol_mean              ? 
_diffrn_detector.dtime                        ? 
_diffrn_detector.pdbx_frames_total            ? 
_diffrn_detector.pdbx_collection_time_total   ? 
_diffrn_detector.pdbx_collection_date         2022-04-21 
_diffrn_detector.pdbx_frequency               ? 
_diffrn_detector.id                           ? 
_diffrn_detector.number_of_axes               ? 
# 
_diffrn_radiation.collimation                      ? 
_diffrn_radiation.diffrn_id                        1 
_diffrn_radiation.filter_edge                      ? 
_diffrn_radiation.inhomogeneity                    ? 
_diffrn_radiation.monochromator                    ? 
_diffrn_radiation.polarisn_norm                    ? 
_diffrn_radiation.polarisn_ratio                   ? 
_diffrn_radiation.probe                            ? 
_diffrn_radiation.type                             ? 
_diffrn_radiation.xray_symbol                      ? 
_diffrn_radiation.wavelength_id                    1 
_diffrn_radiation.pdbx_monochromatic_or_laue_m_l   M 
_diffrn_radiation.pdbx_wavelength_list             ? 
_diffrn_radiation.pdbx_wavelength                  ? 
_diffrn_radiation.pdbx_diffrn_protocol             'SINGLE WAVELENGTH' 
_diffrn_radiation.pdbx_analyzer                    ? 
_diffrn_radiation.pdbx_scattering_type             x-ray 
# 
_diffrn_radiation_wavelength.id           1 
_diffrn_radiation_wavelength.wavelength   0.99999 
_diffrn_radiation_wavelength.wt           1.0 
# 
_diffrn_source.current                     ? 
_diffrn_source.details                     ? 
_diffrn_source.diffrn_id                   1 
_diffrn_source.power                       ? 
_diffrn_source.size                        ? 
_diffrn_source.source                      SYNCHROTRON 
_diffrn_source.target                      ? 
_diffrn_source.type                        'ALS BEAMLINE 5.0.2' 
_diffrn_source.voltage                     ? 
_diffrn_source.take-off_angle              ? 
_diffrn_source.pdbx_wavelength_list        0.99999 
_diffrn_source.pdbx_wavelength             ? 
_diffrn_source.pdbx_synchrotron_beamline   5.0.2 
_diffrn_source.pdbx_synchrotron_site       ALS 
# 
_reflns.B_iso_Wilson_estimate                          ? 
_reflns.entry_id                                       8GJC 
_reflns.data_reduction_details                         ? 
_reflns.data_reduction_method                          ? 
_reflns.d_resolution_high                              1.431 
_reflns.d_resolution_low                               23.01 
_reflns.details                                        ? 
_reflns.limit_h_max                                    ? 
_reflns.limit_h_min                                    ? 
_reflns.limit_k_max                                    ? 
_reflns.limit_k_min                                    ? 
_reflns.limit_l_max                                    ? 
_reflns.limit_l_min                                    ? 
_reflns.number_all                                     ? 
_reflns.number_obs                                     9354 
_reflns.observed_criterion                             ? 
_reflns.observed_criterion_F_max                       ? 
_reflns.observed_criterion_F_min                       ? 
_reflns.observed_criterion_I_max                       ? 
_reflns.observed_criterion_I_min                       ? 
_reflns.observed_criterion_sigma_F                     ? 
_reflns.observed_criterion_sigma_I                     ? 
_reflns.percent_possible_obs                           97.02 
_reflns.R_free_details                                 ? 
_reflns.Rmerge_F_all                                   ? 
_reflns.Rmerge_F_obs                                   ? 
_reflns.Friedel_coverage                               ? 
_reflns.number_gt                                      ? 
_reflns.threshold_expression                           ? 
_reflns.pdbx_redundancy                                16.0 
_reflns.pdbx_netI_over_av_sigmaI                       ? 
_reflns.pdbx_netI_over_sigmaI                          24.44 
_reflns.pdbx_res_netI_over_av_sigmaI_2                 ? 
_reflns.pdbx_res_netI_over_sigmaI_2                    ? 
_reflns.pdbx_chi_squared                               ? 
_reflns.pdbx_scaling_rejects                           ? 
_reflns.pdbx_d_res_high_opt                            ? 
_reflns.pdbx_d_res_low_opt                             ? 
_reflns.pdbx_d_res_opt_method                          ? 
_reflns.phase_calculation_details                      ? 
_reflns.pdbx_Rrim_I_all                                ? 
_reflns.pdbx_Rpim_I_all                                ? 
_reflns.pdbx_d_opt                                     ? 
_reflns.pdbx_number_measured_all                       ? 
_reflns.pdbx_diffrn_id                                 1 
_reflns.pdbx_ordinal                                   1 
_reflns.pdbx_CC_half                                   0.999 
_reflns.pdbx_CC_star                                   ? 
_reflns.pdbx_R_split                                   ? 
_reflns.pdbx_Rmerge_I_obs                              0.09013 
_reflns.pdbx_Rmerge_I_all                              ? 
_reflns.pdbx_Rsym_value                                ? 
_reflns.pdbx_CC_split_method                           ? 
_reflns.pdbx_aniso_diffraction_limit_axis_1_ortho[1]   ? 
_reflns.pdbx_aniso_diffraction_limit_axis_1_ortho[2]   ? 
_reflns.pdbx_aniso_diffraction_limit_axis_1_ortho[3]   ? 
_reflns.pdbx_aniso_diffraction_limit_axis_2_ortho[1]   ? 
_reflns.pdbx_aniso_diffraction_limit_axis_2_ortho[2]   ? 
_reflns.pdbx_aniso_diffraction_limit_axis_2_ortho[3]   ? 
_reflns.pdbx_aniso_diffraction_limit_axis_3_ortho[1]   ? 
_reflns.pdbx_aniso_diffraction_limit_axis_3_ortho[2]   ? 
_reflns.pdbx_aniso_diffraction_limit_axis_3_ortho[3]   ? 
_reflns.pdbx_aniso_diffraction_limit_1                 ? 
_reflns.pdbx_aniso_diffraction_limit_2                 ? 
_reflns.pdbx_aniso_diffraction_limit_3                 ? 
_reflns.pdbx_aniso_B_tensor_eigenvector_1_ortho[1]     ? 
_reflns.pdbx_aniso_B_tensor_eigenvector_1_ortho[2]     ? 
_reflns.pdbx_aniso_B_tensor_eigenvector_1_ortho[3]     ? 
_reflns.pdbx_aniso_B_tensor_eigenvector_2_ortho[1]     ? 
_reflns.pdbx_aniso_B_tensor_eigenvector_2_ortho[2]     ? 
_reflns.pdbx_aniso_B_tensor_eigenvector_2_ortho[3]     ? 
_reflns.pdbx_aniso_B_tensor_eigenvector_3_ortho[1]     ? 
_reflns.pdbx_aniso_B_tensor_eigenvector_3_ortho[2]     ? 
_reflns.pdbx_aniso_B_tensor_eigenvector_3_ortho[3]     ? 
_reflns.pdbx_aniso_B_tensor_eigenvalue_1               ? 
_reflns.pdbx_aniso_B_tensor_eigenvalue_2               ? 
_reflns.pdbx_aniso_B_tensor_eigenvalue_3               ? 
_reflns.pdbx_orthogonalization_convention              ? 
_reflns.pdbx_percent_possible_ellipsoidal              ? 
_reflns.pdbx_percent_possible_spherical                ? 
_reflns.pdbx_percent_possible_ellipsoidal_anomalous    ? 
_reflns.pdbx_percent_possible_spherical_anomalous      ? 
_reflns.pdbx_redundancy_anomalous                      ? 
_reflns.pdbx_CC_half_anomalous                         ? 
_reflns.pdbx_absDiff_over_sigma_anomalous              ? 
_reflns.pdbx_percent_possible_anomalous                ? 
_reflns.pdbx_observed_signal_threshold                 ? 
_reflns.pdbx_signal_type                               ? 
_reflns.pdbx_signal_details                            ? 
_reflns.pdbx_signal_software_id                        ? 
# 
_reflns_shell.d_res_high                                    1.431 
_reflns_shell.d_res_low                                     1.482 
_reflns_shell.meanI_over_sigI_all                           ? 
_reflns_shell.meanI_over_sigI_obs                           ? 
_reflns_shell.number_measured_all                           ? 
_reflns_shell.number_measured_obs                           ? 
_reflns_shell.number_possible                               ? 
_reflns_shell.number_unique_all                             ? 
_reflns_shell.number_unique_obs                             384 
_reflns_shell.percent_possible_obs                          ? 
_reflns_shell.Rmerge_F_all                                  ? 
_reflns_shell.Rmerge_F_obs                                  ? 
_reflns_shell.meanI_over_sigI_gt                            ? 
_reflns_shell.meanI_over_uI_all                             ? 
_reflns_shell.meanI_over_uI_gt                              ? 
_reflns_shell.number_measured_gt                            ? 
_reflns_shell.number_unique_gt                              ? 
_reflns_shell.percent_possible_gt                           ? 
_reflns_shell.Rmerge_F_gt                                   ? 
_reflns_shell.Rmerge_I_gt                                   ? 
_reflns_shell.pdbx_redundancy                               ? 
_reflns_shell.pdbx_chi_squared                              ? 
_reflns_shell.pdbx_netI_over_sigmaI_all                     ? 
_reflns_shell.pdbx_netI_over_sigmaI_obs                     ? 
_reflns_shell.pdbx_Rrim_I_all                               ? 
_reflns_shell.pdbx_Rpim_I_all                               ? 
_reflns_shell.pdbx_rejects                                  ? 
_reflns_shell.pdbx_ordinal                                  1 
_reflns_shell.pdbx_diffrn_id                                1 
_reflns_shell.pdbx_CC_half                                  0.25 
_reflns_shell.pdbx_CC_star                                  ? 
_reflns_shell.pdbx_R_split                                  ? 
_reflns_shell.percent_possible_all                          ? 
_reflns_shell.Rmerge_I_all                                  ? 
_reflns_shell.Rmerge_I_obs                                  1.775 
_reflns_shell.pdbx_Rsym_value                               ? 
_reflns_shell.pdbx_percent_possible_ellipsoidal             ? 
_reflns_shell.pdbx_percent_possible_spherical               ? 
_reflns_shell.pdbx_percent_possible_ellipsoidal_anomalous   ? 
_reflns_shell.pdbx_percent_possible_spherical_anomalous     ? 
_reflns_shell.pdbx_redundancy_anomalous                     ? 
_reflns_shell.pdbx_CC_half_anomalous                        ? 
_reflns_shell.pdbx_absDiff_over_sigma_anomalous             ? 
_reflns_shell.pdbx_percent_possible_anomalous               ? 
# 
_refine.aniso_B[1][1]                            ? 
_refine.aniso_B[1][2]                            ? 
_refine.aniso_B[1][3]                            ? 
_refine.aniso_B[2][2]                            ? 
_refine.aniso_B[2][3]                            ? 
_refine.aniso_B[3][3]                            ? 
_refine.B_iso_max                                ? 
_refine.B_iso_mean                               ? 
_refine.B_iso_min                                ? 
_refine.correlation_coeff_Fo_to_Fc               ? 
_refine.correlation_coeff_Fo_to_Fc_free          ? 
_refine.details                                  ? 
_refine.diff_density_max                         ? 
_refine.diff_density_max_esd                     ? 
_refine.diff_density_min                         ? 
_refine.diff_density_min_esd                     ? 
_refine.diff_density_rms                         ? 
_refine.diff_density_rms_esd                     ? 
_refine.entry_id                                 8GJC 
_refine.pdbx_refine_id                           'X-RAY DIFFRACTION' 
_refine.ls_abs_structure_details                 ? 
_refine.ls_abs_structure_Flack                   ? 
_refine.ls_abs_structure_Flack_esd               ? 
_refine.ls_abs_structure_Rogers                  ? 
_refine.ls_abs_structure_Rogers_esd              ? 
_refine.ls_d_res_high                            1.431 
_refine.ls_d_res_low                             23.01 
_refine.ls_extinction_coef                       ? 
_refine.ls_extinction_coef_esd                   ? 
_refine.ls_extinction_expression                 ? 
_refine.ls_extinction_method                     ? 
_refine.ls_goodness_of_fit_all                   ? 
_refine.ls_goodness_of_fit_all_esd               ? 
_refine.ls_goodness_of_fit_obs                   ? 
_refine.ls_goodness_of_fit_obs_esd               ? 
_refine.ls_hydrogen_treatment                    ? 
_refine.ls_matrix_type                           ? 
_refine.ls_number_constraints                    ? 
_refine.ls_number_parameters                     ? 
_refine.ls_number_reflns_all                     ? 
_refine.ls_number_reflns_obs                     9354 
_refine.ls_number_reflns_R_free                  952 
_refine.ls_number_reflns_R_work                  ? 
_refine.ls_number_restraints                     ? 
_refine.ls_percent_reflns_obs                    96.91 
_refine.ls_percent_reflns_R_free                 10.18 
_refine.ls_R_factor_all                          ? 
_refine.ls_R_factor_obs                          0.1597 
_refine.ls_R_factor_R_free                       0.1807 
_refine.ls_R_factor_R_free_error                 ? 
_refine.ls_R_factor_R_free_error_details         ? 
_refine.ls_R_factor_R_work                       0.1547 
_refine.ls_R_Fsqd_factor_obs                     ? 
_refine.ls_R_I_factor_obs                        ? 
_refine.ls_redundancy_reflns_all                 ? 
_refine.ls_redundancy_reflns_obs                 ? 
_refine.ls_restrained_S_all                      ? 
_refine.ls_restrained_S_obs                      ? 
_refine.ls_shift_over_esd_max                    ? 
_refine.ls_shift_over_esd_mean                   ? 
_refine.ls_structure_factor_coef                 ? 
_refine.ls_weighting_details                     ? 
_refine.ls_weighting_scheme                      ? 
_refine.ls_wR_factor_all                         ? 
_refine.ls_wR_factor_obs                         ? 
_refine.ls_wR_factor_R_free                      ? 
_refine.ls_wR_factor_R_work                      ? 
_refine.occupancy_max                            ? 
_refine.occupancy_min                            ? 
_refine.solvent_model_details                    'FLAT BULK SOLVENT MODEL' 
_refine.solvent_model_param_bsol                 ? 
_refine.solvent_model_param_ksol                 ? 
_refine.pdbx_R_complete                          ? 
_refine.ls_R_factor_gt                           ? 
_refine.ls_goodness_of_fit_gt                    ? 
_refine.ls_goodness_of_fit_ref                   ? 
_refine.ls_shift_over_su_max                     ? 
_refine.ls_shift_over_su_max_lt                  ? 
_refine.ls_shift_over_su_mean                    ? 
_refine.ls_shift_over_su_mean_lt                 ? 
_refine.pdbx_ls_sigma_I                          ? 
_refine.pdbx_ls_sigma_F                          7.36 
_refine.pdbx_ls_sigma_Fsqd                       ? 
_refine.pdbx_data_cutoff_high_absF               ? 
_refine.pdbx_data_cutoff_high_rms_absF           ? 
_refine.pdbx_data_cutoff_low_absF                ? 
_refine.pdbx_isotropic_thermal_model             ? 
_refine.pdbx_ls_cross_valid_method               'FREE R-VALUE' 
_refine.pdbx_method_to_determine_struct          'MOLECULAR REPLACEMENT' 
_refine.pdbx_starting_model                      5W4H 
_refine.pdbx_stereochemistry_target_values       TWIN_LSQ_F 
_refine.pdbx_R_Free_selection_details            ? 
_refine.pdbx_stereochem_target_val_spec_case     ? 
_refine.pdbx_overall_ESU_R                       ? 
_refine.pdbx_overall_ESU_R_Free                  ? 
_refine.pdbx_solvent_vdw_probe_radii             1.10 
_refine.pdbx_solvent_ion_probe_radii             ? 
_refine.pdbx_solvent_shrinkage_radii             0.90 
_refine.pdbx_real_space_R                        ? 
_refine.pdbx_density_correlation                 ? 
_refine.pdbx_pd_number_of_powder_patterns        ? 
_refine.pdbx_pd_number_of_points                 ? 
_refine.pdbx_pd_meas_number_of_points            ? 
_refine.pdbx_pd_proc_ls_prof_R_factor            ? 
_refine.pdbx_pd_proc_ls_prof_wR_factor           ? 
_refine.pdbx_pd_Marquardt_correlation_coeff      ? 
_refine.pdbx_pd_Fsqrd_R_factor                   ? 
_refine.pdbx_pd_ls_matrix_band_width             ? 
_refine.pdbx_overall_phase_error                 20.89 
_refine.pdbx_overall_SU_R_free_Cruickshank_DPI   ? 
_refine.pdbx_overall_SU_R_free_Blow_DPI          ? 
_refine.pdbx_overall_SU_R_Blow_DPI               ? 
_refine.pdbx_TLS_residual_ADP_flag               ? 
_refine.pdbx_diffrn_id                           1 
_refine.overall_SU_B                             ? 
_refine.overall_SU_ML                            ? 
_refine.overall_SU_R_Cruickshank_DPI             ? 
_refine.overall_SU_R_free                        ? 
_refine.overall_FOM_free_R_set                   ? 
_refine.overall_FOM_work_R_set                   ? 
_refine.pdbx_average_fsc_overall                 ? 
_refine.pdbx_average_fsc_work                    ? 
_refine.pdbx_average_fsc_free                    ? 
# 
_refine_hist.pdbx_refine_id                   'X-RAY DIFFRACTION' 
_refine_hist.cycle_id                         LAST 
_refine_hist.pdbx_number_atoms_protein        226 
_refine_hist.pdbx_number_atoms_nucleic_acid   0 
_refine_hist.pdbx_number_atoms_ligand         44 
_refine_hist.number_atoms_solvent             31 
_refine_hist.number_atoms_total               301 
_refine_hist.d_res_high                       1.431 
_refine_hist.d_res_low                        23.01 
# 
loop_
_refine_ls_restr.pdbx_refine_id 
_refine_ls_restr.criterion 
_refine_ls_restr.dev_ideal 
_refine_ls_restr.dev_ideal_target 
_refine_ls_restr.number 
_refine_ls_restr.rejects 
_refine_ls_restr.type 
_refine_ls_restr.weight 
_refine_ls_restr.pdbx_restraint_function 
'X-RAY DIFFRACTION' ? 0.006  ? ?  ? f_bond_d           ? ? 
'X-RAY DIFFRACTION' ? 1.146  ? ?  ? f_angle_d          ? ? 
'X-RAY DIFFRACTION' ? 36.081 ? 72 ? f_dihedral_angle_d ? ? 
'X-RAY DIFFRACTION' ? 0.080  ? 38 ? f_chiral_restr     ? ? 
'X-RAY DIFFRACTION' ? 0.005  ? 43 ? f_plane_restr      ? ? 
# 
loop_
_refine_ls_shell.pdbx_refine_id 
_refine_ls_shell.d_res_high 
_refine_ls_shell.d_res_low 
_refine_ls_shell.number_reflns_all 
_refine_ls_shell.number_reflns_obs 
_refine_ls_shell.number_reflns_R_free 
_refine_ls_shell.number_reflns_R_work 
_refine_ls_shell.percent_reflns_obs 
_refine_ls_shell.percent_reflns_R_free 
_refine_ls_shell.R_factor_all 
_refine_ls_shell.R_factor_obs 
_refine_ls_shell.R_factor_R_free_error 
_refine_ls_shell.R_factor_R_work 
_refine_ls_shell.redundancy_reflns_all 
_refine_ls_shell.redundancy_reflns_obs 
_refine_ls_shell.wR_factor_all 
_refine_ls_shell.wR_factor_obs 
_refine_ls_shell.wR_factor_R_free 
_refine_ls_shell.wR_factor_R_work 
_refine_ls_shell.pdbx_R_complete 
_refine_ls_shell.pdbx_total_number_of_bins_used 
_refine_ls_shell.pdbx_phase_error 
_refine_ls_shell.pdbx_fsc_work 
_refine_ls_shell.pdbx_fsc_free 
_refine_ls_shell.R_factor_R_free 
'X-RAY DIFFRACTION' 1.431 1.51  . . 107 994  72.00 . . . . 0.5055 . . . . . . . . . . . 0.5178 
'X-RAY DIFFRACTION' 1.51  1.60  . . 145 1228 88.00 . . . . 0.3070 . . . . . . . . . . . 0.3736 
'X-RAY DIFFRACTION' 1.60  1.72  . . 132 1241 90.00 . . . . 0.1921 . . . . . . . . . . . 0.2298 
'X-RAY DIFFRACTION' 1.72  1.90  . . 140 1229 90.00 . . . . 0.1597 . . . . . . . . . . . 0.1695 
'X-RAY DIFFRACTION' 1.90  2.17  . . 140 1241 90.00 . . . . 0.1517 . . . . . . . . . . . 0.1660 
'X-RAY DIFFRACTION' 2.17  2.74  . . 127 1253 91.00 . . . . 0.1291 . . . . . . . . . . . 0.1889 
'X-RAY DIFFRACTION' 2.74  23.01 . . 141 1236 90.00 . . . . 0.1276 . . . . . . . . . . . 0.1381 
# 
_struct.entry_id                     8GJC 
_struct.title                        
'X-ray crystallographic structure of a beta-hairpin peptide derived from Abeta 17-35. (ORN)LVFFAED(ORN)GAI(N-Me-Ile)GLM' 
_struct.pdbx_model_details           ? 
_struct.pdbx_formula_weight          ? 
_struct.pdbx_formula_weight_method   ? 
_struct.pdbx_model_type_details      ? 
_struct.pdbx_CASP_flag               N 
# 
_struct_keywords.entry_id        8GJC 
_struct_keywords.text            
;oligomer, tetramer, amyloid, Alzheimer's disease, DE NOVO PROTEIN
;
_struct_keywords.pdbx_keywords   'DE NOVO PROTEIN' 
# 
loop_
_struct_asym.id 
_struct_asym.pdbx_blank_PDB_chainid_flag 
_struct_asym.pdbx_modified 
_struct_asym.entity_id 
_struct_asym.details 
A N N 1 ? 
B N N 1 ? 
C N N 2 ? 
D N N 3 ? 
E N N 3 ? 
F N N 2 ? 
G N N 3 ? 
H N N 4 ? 
I N N 5 ? 
J N N 5 ? 
# 
_struct_ref.id                         1 
_struct_ref.db_name                    PDB 
_struct_ref.db_code                    8GJC 
_struct_ref.pdbx_db_accession          8GJC 
_struct_ref.pdbx_db_isoform            ? 
_struct_ref.entity_id                  1 
_struct_ref.pdbx_seq_one_letter_code   ? 
_struct_ref.pdbx_align_begin           1 
# 
loop_
_struct_ref_seq.align_id 
_struct_ref_seq.ref_id 
_struct_ref_seq.pdbx_PDB_id_code 
_struct_ref_seq.pdbx_strand_id 
_struct_ref_seq.seq_align_beg 
_struct_ref_seq.pdbx_seq_align_beg_ins_code 
_struct_ref_seq.seq_align_end 
_struct_ref_seq.pdbx_seq_align_end_ins_code 
_struct_ref_seq.pdbx_db_accession 
_struct_ref_seq.db_align_beg 
_struct_ref_seq.pdbx_db_align_beg_ins_code 
_struct_ref_seq.db_align_end 
_struct_ref_seq.pdbx_db_align_end_ins_code 
_struct_ref_seq.pdbx_auth_seq_align_beg 
_struct_ref_seq.pdbx_auth_seq_align_end 
1 1 8GJC A 1 ? 15 ? 8GJC 1 ? 15 ? 1 15 
2 1 8GJC B 1 ? 15 ? 8GJC 1 ? 15 ? 1 15 
# 
_pdbx_struct_assembly.id                   1 
_pdbx_struct_assembly.details              author_and_software_defined_assembly 
_pdbx_struct_assembly.method_details       PISA 
_pdbx_struct_assembly.oligomeric_details   tetrameric 
_pdbx_struct_assembly.oligomeric_count     4 
# 
loop_
_pdbx_struct_assembly_prop.biol_id 
_pdbx_struct_assembly_prop.type 
_pdbx_struct_assembly_prop.value 
_pdbx_struct_assembly_prop.details 
1 'ABSA (A^2)' 2800 ? 
1 MORE         -23  ? 
1 'SSA (A^2)'  5040 ? 
# 
_pdbx_struct_assembly_gen.assembly_id       1 
_pdbx_struct_assembly_gen.oper_expression   1,2 
_pdbx_struct_assembly_gen.asym_id_list      A,B,C,D,E,F,G,H,I,J 
# 
_pdbx_struct_assembly_auth_evidence.id                     1 
_pdbx_struct_assembly_auth_evidence.assembly_id            1 
_pdbx_struct_assembly_auth_evidence.experimental_support   none 
_pdbx_struct_assembly_auth_evidence.details                ? 
# 
loop_
_pdbx_struct_oper_list.id 
_pdbx_struct_oper_list.type 
_pdbx_struct_oper_list.name 
_pdbx_struct_oper_list.symmetry_operation 
_pdbx_struct_oper_list.matrix[1][1] 
_pdbx_struct_oper_list.matrix[1][2] 
_pdbx_struct_oper_list.matrix[1][3] 
_pdbx_struct_oper_list.vector[1] 
_pdbx_struct_oper_list.matrix[2][1] 
_pdbx_struct_oper_list.matrix[2][2] 
_pdbx_struct_oper_list.matrix[2][3] 
_pdbx_struct_oper_list.vector[2] 
_pdbx_struct_oper_list.matrix[3][1] 
_pdbx_struct_oper_list.matrix[3][2] 
_pdbx_struct_oper_list.matrix[3][3] 
_pdbx_struct_oper_list.vector[3] 
1 'identity operation'         1_555 x,y,z  1.0000000000  0.0000000000 0.0000000000  0.0000000000   0.0000000000 1.0000000000 0.0000000000  0.0000000000 0.0000000000  0.0000000000  1.0000000000  0.0000000000 
2 'crystal symmetry operation' 4_555 y,x,-z -0.9310206521 0.3618325184 -0.0477260316 -11.1696417225 0.3618325184 0.8979995499 -0.2503478321 3.0736689295 -0.0477260316 -0.2503478321 -0.9669788979 7.1591698462 
# 
loop_
_struct_conn.id 
_struct_conn.conn_type_id 
_struct_conn.pdbx_leaving_atom_flag 
_struct_conn.pdbx_PDB_id 
_struct_conn.ptnr1_label_asym_id 
_struct_conn.ptnr1_label_comp_id 
_struct_conn.ptnr1_label_seq_id 
_struct_conn.ptnr1_label_atom_id 
_struct_conn.pdbx_ptnr1_label_alt_id 
_struct_conn.pdbx_ptnr1_PDB_ins_code 
_struct_conn.pdbx_ptnr1_standard_comp_id 
_struct_conn.ptnr1_symmetry 
_struct_conn.ptnr2_label_asym_id 
_struct_conn.ptnr2_label_comp_id 
_struct_conn.ptnr2_label_seq_id 
_struct_conn.ptnr2_label_atom_id 
_struct_conn.pdbx_ptnr2_label_alt_id 
_struct_conn.pdbx_ptnr2_PDB_ins_code 
_struct_conn.ptnr1_auth_asym_id 
_struct_conn.ptnr1_auth_comp_id 
_struct_conn.ptnr1_auth_seq_id 
_struct_conn.ptnr2_auth_asym_id 
_struct_conn.ptnr2_auth_comp_id 
_struct_conn.ptnr2_auth_seq_id 
_struct_conn.ptnr2_symmetry 
_struct_conn.pdbx_ptnr3_label_atom_id 
_struct_conn.pdbx_ptnr3_label_seq_id 
_struct_conn.pdbx_ptnr3_label_comp_id 
_struct_conn.pdbx_ptnr3_label_asym_id 
_struct_conn.pdbx_ptnr3_label_alt_id 
_struct_conn.pdbx_ptnr3_PDB_ins_code 
_struct_conn.details 
_struct_conn.pdbx_dist_value 
_struct_conn.pdbx_value_order 
_struct_conn.pdbx_role 
covale1  covale both ? A ORN 1  C  ? ? ? 1_555 A LEU 2  N  ? ? A ORN 1  A LEU 2   1_555 ? ? ? ? ? ? ? 1.370 ? ? 
covale2  covale both ? A ORN 1  NE ? ? ? 1_555 C MET .  C  ? ? A ORN 1  A MET 101 1_555 ? ? ? ? ? ? ? 1.376 ? ? 
covale3  covale both ? A ASP 8  C  ? ? ? 1_555 A ORN 9  NE ? ? A ASP 8  A ORN 9   1_555 ? ? ? ? ? ? ? 1.377 ? ? 
covale4  covale both ? A ORN 9  C  ? ? ? 1_555 A GLY 10 N  ? ? A ORN 9  A GLY 10  1_555 ? ? ? ? ? ? ? 1.369 ? ? 
covale5  covale both ? A ILE 12 C  ? ? ? 1_555 A IML 13 N  ? ? A ILE 12 A IML 13  1_555 ? ? ? ? ? ? ? 1.334 ? ? 
covale6  covale both ? A IML 13 C  ? ? ? 1_555 A GLY 14 N  ? ? A IML 13 A GLY 14  1_555 ? ? ? ? ? ? ? 1.327 ? ? 
covale7  covale both ? B ORN 1  C  ? ? ? 1_555 B LEU 2  N  ? ? B ORN 1  B LEU 2   1_555 ? ? ? ? ? ? ? 1.372 ? ? 
covale8  covale both ? B ORN 1  NE ? ? ? 1_555 F MET .  C  ? ? B ORN 1  B MET 101 1_555 ? ? ? ? ? ? ? 1.372 ? ? 
covale9  covale both ? B ASP 8  C  ? ? ? 1_555 B ORN 9  NE ? ? B ASP 8  B ORN 9   1_555 ? ? ? ? ? ? ? 1.374 ? ? 
covale10 covale both ? B ORN 9  C  ? ? ? 1_555 B GLY 10 N  ? ? B ORN 9  B GLY 10  1_555 ? ? ? ? ? ? ? 1.368 ? ? 
covale11 covale both ? B ILE 12 C  ? ? ? 1_555 B IML 13 N  ? ? B ILE 12 B IML 13  1_555 ? ? ? ? ? ? ? 1.331 ? ? 
covale12 covale both ? B IML 13 C  ? ? ? 1_555 B GLY 14 N  ? ? B IML 13 B GLY 14  1_555 ? ? ? ? ? ? ? 1.329 ? ? 
# 
_struct_conn_type.id          covale 
_struct_conn_type.criteria    ? 
_struct_conn_type.reference   ? 
# 
loop_
_struct_sheet.id 
_struct_sheet.type 
_struct_sheet.number_strands 
_struct_sheet.details 
AA1 ? 2 ? 
AA2 ? 2 ? 
# 
loop_
_struct_sheet_order.sheet_id 
_struct_sheet_order.range_id_1 
_struct_sheet_order.range_id_2 
_struct_sheet_order.offset 
_struct_sheet_order.sense 
AA1 1 2 ? anti-parallel 
AA2 1 2 ? anti-parallel 
# 
loop_
_struct_sheet_range.sheet_id 
_struct_sheet_range.id 
_struct_sheet_range.beg_label_comp_id 
_struct_sheet_range.beg_label_asym_id 
_struct_sheet_range.beg_label_seq_id 
_struct_sheet_range.pdbx_beg_PDB_ins_code 
_struct_sheet_range.end_label_comp_id 
_struct_sheet_range.end_label_asym_id 
_struct_sheet_range.end_label_seq_id 
_struct_sheet_range.pdbx_end_PDB_ins_code 
_struct_sheet_range.beg_auth_comp_id 
_struct_sheet_range.beg_auth_asym_id 
_struct_sheet_range.beg_auth_seq_id 
_struct_sheet_range.end_auth_comp_id 
_struct_sheet_range.end_auth_asym_id 
_struct_sheet_range.end_auth_seq_id 
AA1 1 PHE A 4  ? GLU A 7  ? PHE A 4  GLU A 7  
AA1 2 ALA A 11 ? GLY A 14 ? ALA A 11 GLY A 14 
AA2 1 PHE B 4  ? GLU B 7  ? PHE B 4  GLU B 7  
AA2 2 ALA B 11 ? GLY B 14 ? ALA B 11 GLY B 14 
# 
loop_
_pdbx_struct_sheet_hbond.sheet_id 
_pdbx_struct_sheet_hbond.range_id_1 
_pdbx_struct_sheet_hbond.range_id_2 
_pdbx_struct_sheet_hbond.range_1_label_atom_id 
_pdbx_struct_sheet_hbond.range_1_label_comp_id 
_pdbx_struct_sheet_hbond.range_1_label_asym_id 
_pdbx_struct_sheet_hbond.range_1_label_seq_id 
_pdbx_struct_sheet_hbond.range_1_PDB_ins_code 
_pdbx_struct_sheet_hbond.range_1_auth_atom_id 
_pdbx_struct_sheet_hbond.range_1_auth_comp_id 
_pdbx_struct_sheet_hbond.range_1_auth_asym_id 
_pdbx_struct_sheet_hbond.range_1_auth_seq_id 
_pdbx_struct_sheet_hbond.range_2_label_atom_id 
_pdbx_struct_sheet_hbond.range_2_label_comp_id 
_pdbx_struct_sheet_hbond.range_2_label_asym_id 
_pdbx_struct_sheet_hbond.range_2_label_seq_id 
_pdbx_struct_sheet_hbond.range_2_PDB_ins_code 
_pdbx_struct_sheet_hbond.range_2_auth_atom_id 
_pdbx_struct_sheet_hbond.range_2_auth_comp_id 
_pdbx_struct_sheet_hbond.range_2_auth_asym_id 
_pdbx_struct_sheet_hbond.range_2_auth_seq_id 
AA1 1 2 N PHE A 4 ? N PHE A 4 O GLY A 14 ? O GLY A 14 
AA2 1 2 N PHE B 4 ? N PHE B 4 O GLY B 14 ? O GLY B 14 
# 
loop_
_pdbx_validate_close_contact.id 
_pdbx_validate_close_contact.PDB_model_num 
_pdbx_validate_close_contact.auth_atom_id_1 
_pdbx_validate_close_contact.auth_asym_id_1 
_pdbx_validate_close_contact.auth_comp_id_1 
_pdbx_validate_close_contact.auth_seq_id_1 
_pdbx_validate_close_contact.PDB_ins_code_1 
_pdbx_validate_close_contact.label_alt_id_1 
_pdbx_validate_close_contact.auth_atom_id_2 
_pdbx_validate_close_contact.auth_asym_id_2 
_pdbx_validate_close_contact.auth_comp_id_2 
_pdbx_validate_close_contact.auth_seq_id_2 
_pdbx_validate_close_contact.PDB_ins_code_2 
_pdbx_validate_close_contact.label_alt_id_2 
_pdbx_validate_close_contact.dist 
1 1 C A LEU 15  ? ? N A MET 101 ? ? 1.33 
2 1 C B LEU 15  ? ? N B MET 101 ? ? 1.33 
3 1 O B HOH 204 ? ? O B HOH 206 ? ? 2.02 
4 1 O A HOH 214 ? ? O B HOH 214 ? ? 2.03 
5 1 O B HOH 208 ? ? O B HOH 210 ? ? 2.06 
# 
loop_
_pdbx_validate_symm_contact.id 
_pdbx_validate_symm_contact.PDB_model_num 
_pdbx_validate_symm_contact.auth_atom_id_1 
_pdbx_validate_symm_contact.auth_asym_id_1 
_pdbx_validate_symm_contact.auth_comp_id_1 
_pdbx_validate_symm_contact.auth_seq_id_1 
_pdbx_validate_symm_contact.PDB_ins_code_1 
_pdbx_validate_symm_contact.label_alt_id_1 
_pdbx_validate_symm_contact.site_symmetry_1 
_pdbx_validate_symm_contact.auth_atom_id_2 
_pdbx_validate_symm_contact.auth_asym_id_2 
_pdbx_validate_symm_contact.auth_comp_id_2 
_pdbx_validate_symm_contact.auth_seq_id_2 
_pdbx_validate_symm_contact.PDB_ins_code_2 
_pdbx_validate_symm_contact.label_alt_id_2 
_pdbx_validate_symm_contact.site_symmetry_2 
_pdbx_validate_symm_contact.dist 
1 1 O A HOH 208 ? ? 1_555 O B HOH 213 ? ? 6_665 1.85 
2 1 O A HOH 216 ? ? 1_555 O A HOH 216 ? ? 4_555 1.86 
3 1 O B HOH 206 ? ? 1_555 O B HOH 208 ? ? 4_556 1.91 
4 1 O B HOH 204 ? ? 1_555 O B HOH 208 ? ? 4_556 1.93 
# 
_pdbx_struct_special_symmetry.id              1 
_pdbx_struct_special_symmetry.PDB_model_num   1 
_pdbx_struct_special_symmetry.auth_asym_id    A 
_pdbx_struct_special_symmetry.auth_comp_id    HOH 
_pdbx_struct_special_symmetry.auth_seq_id     217 
_pdbx_struct_special_symmetry.PDB_ins_code    ? 
_pdbx_struct_special_symmetry.label_asym_id   I 
_pdbx_struct_special_symmetry.label_comp_id   HOH 
_pdbx_struct_special_symmetry.label_seq_id    . 
# 
_pdbx_entry_details.entry_id                 8GJC 
_pdbx_entry_details.has_ligand_of_interest   N 
_pdbx_entry_details.compound_details         ? 
_pdbx_entry_details.source_details           ? 
_pdbx_entry_details.nonpolymer_details       ? 
_pdbx_entry_details.sequence_details         ? 
# 
_pdbx_distant_solvent_atoms.id                                1 
_pdbx_distant_solvent_atoms.PDB_model_num                     1 
_pdbx_distant_solvent_atoms.auth_atom_id                      O 
_pdbx_distant_solvent_atoms.label_alt_id                      ? 
_pdbx_distant_solvent_atoms.auth_asym_id                      A 
_pdbx_distant_solvent_atoms.auth_comp_id                      HOH 
_pdbx_distant_solvent_atoms.auth_seq_id                       217 
_pdbx_distant_solvent_atoms.PDB_ins_code                      ? 
_pdbx_distant_solvent_atoms.neighbor_macromolecule_distance   6.73 
_pdbx_distant_solvent_atoms.neighbor_ligand_distance          . 
# 
loop_
_chem_comp_atom.comp_id 
_chem_comp_atom.atom_id 
_chem_comp_atom.type_symbol 
_chem_comp_atom.pdbx_aromatic_flag 
_chem_comp_atom.pdbx_stereo_config 
_chem_comp_atom.pdbx_ordinal 
ALA N    N N N 1   
ALA CA   C N S 2   
ALA C    C N N 3   
ALA O    O N N 4   
ALA CB   C N N 5   
ALA OXT  O N N 6   
ALA H    H N N 7   
ALA H2   H N N 8   
ALA HA   H N N 9   
ALA HB1  H N N 10  
ALA HB2  H N N 11  
ALA HB3  H N N 12  
ALA HXT  H N N 13  
ASP N    N N N 14  
ASP CA   C N S 15  
ASP C    C N N 16  
ASP O    O N N 17  
ASP CB   C N N 18  
ASP CG   C N N 19  
ASP OD1  O N N 20  
ASP OD2  O N N 21  
ASP OXT  O N N 22  
ASP H    H N N 23  
ASP H2   H N N 24  
ASP HA   H N N 25  
ASP HB2  H N N 26  
ASP HB3  H N N 27  
ASP HD2  H N N 28  
ASP HXT  H N N 29  
GLU N    N N N 30  
GLU CA   C N S 31  
GLU C    C N N 32  
GLU O    O N N 33  
GLU CB   C N N 34  
GLU CG   C N N 35  
GLU CD   C N N 36  
GLU OE1  O N N 37  
GLU OE2  O N N 38  
GLU OXT  O N N 39  
GLU H    H N N 40  
GLU H2   H N N 41  
GLU HA   H N N 42  
GLU HB2  H N N 43  
GLU HB3  H N N 44  
GLU HG2  H N N 45  
GLU HG3  H N N 46  
GLU HE2  H N N 47  
GLU HXT  H N N 48  
GLY N    N N N 49  
GLY CA   C N N 50  
GLY C    C N N 51  
GLY O    O N N 52  
GLY OXT  O N N 53  
GLY H    H N N 54  
GLY H2   H N N 55  
GLY HA2  H N N 56  
GLY HA3  H N N 57  
GLY HXT  H N N 58  
HOH O    O N N 59  
HOH H1   H N N 60  
HOH H2   H N N 61  
ILE N    N N N 62  
ILE CA   C N S 63  
ILE C    C N N 64  
ILE O    O N N 65  
ILE CB   C N S 66  
ILE CG1  C N N 67  
ILE CG2  C N N 68  
ILE CD1  C N N 69  
ILE OXT  O N N 70  
ILE H    H N N 71  
ILE H2   H N N 72  
ILE HA   H N N 73  
ILE HB   H N N 74  
ILE HG12 H N N 75  
ILE HG13 H N N 76  
ILE HG21 H N N 77  
ILE HG22 H N N 78  
ILE HG23 H N N 79  
ILE HD11 H N N 80  
ILE HD12 H N N 81  
ILE HD13 H N N 82  
ILE HXT  H N N 83  
IML N    N N N 84  
IML CA   C N S 85  
IML C    C N N 86  
IML O    O N N 87  
IML OXT  O N N 88  
IML CB   C N S 89  
IML CN   C N N 90  
IML CG2  C N N 91  
IML CG1  C N N 92  
IML CD1  C N N 93  
IML H    H N N 94  
IML HA   H N N 95  
IML HXT  H N N 96  
IML HB   H N N 97  
IML HN1  H N N 98  
IML HN2  H N N 99  
IML HN3  H N N 100 
IML HG21 H N N 101 
IML HG22 H N N 102 
IML HG23 H N N 103 
IML HG12 H N N 104 
IML HG13 H N N 105 
IML HD11 H N N 106 
IML HD12 H N N 107 
IML HD13 H N N 108 
LEU N    N N N 109 
LEU CA   C N S 110 
LEU C    C N N 111 
LEU O    O N N 112 
LEU CB   C N N 113 
LEU CG   C N N 114 
LEU CD1  C N N 115 
LEU CD2  C N N 116 
LEU OXT  O N N 117 
LEU H    H N N 118 
LEU H2   H N N 119 
LEU HA   H N N 120 
LEU HB2  H N N 121 
LEU HB3  H N N 122 
LEU HG   H N N 123 
LEU HD11 H N N 124 
LEU HD12 H N N 125 
LEU HD13 H N N 126 
LEU HD21 H N N 127 
LEU HD22 H N N 128 
LEU HD23 H N N 129 
LEU HXT  H N N 130 
MET N    N N N 131 
MET CA   C N S 132 
MET C    C N N 133 
MET O    O N N 134 
MET CB   C N N 135 
MET CG   C N N 136 
MET SD   S N N 137 
MET CE   C N N 138 
MET OXT  O N N 139 
MET H    H N N 140 
MET H2   H N N 141 
MET HA   H N N 142 
MET HB2  H N N 143 
MET HB3  H N N 144 
MET HG2  H N N 145 
MET HG3  H N N 146 
MET HE1  H N N 147 
MET HE2  H N N 148 
MET HE3  H N N 149 
MET HXT  H N N 150 
ORN N    N N N 151 
ORN CA   C N S 152 
ORN CB   C N N 153 
ORN CG   C N N 154 
ORN CD   C N N 155 
ORN NE   N N N 156 
ORN C    C N N 157 
ORN O    O N N 158 
ORN OXT  O N N 159 
ORN H    H N N 160 
ORN H2   H N N 161 
ORN HA   H N N 162 
ORN HB2  H N N 163 
ORN HB3  H N N 164 
ORN HG2  H N N 165 
ORN HG3  H N N 166 
ORN HD2  H N N 167 
ORN HD3  H N N 168 
ORN HE1  H N N 169 
ORN HE2  H N N 170 
ORN HXT  H N N 171 
PEG C1   C N N 172 
PEG O1   O N N 173 
PEG C2   C N N 174 
PEG O2   O N N 175 
PEG C3   C N N 176 
PEG C4   C N N 177 
PEG O4   O N N 178 
PEG H11  H N N 179 
PEG H12  H N N 180 
PEG HO1  H N N 181 
PEG H21  H N N 182 
PEG H22  H N N 183 
PEG H31  H N N 184 
PEG H32  H N N 185 
PEG H41  H N N 186 
PEG H42  H N N 187 
PEG HO4  H N N 188 
PHE N    N N N 189 
PHE CA   C N S 190 
PHE C    C N N 191 
PHE O    O N N 192 
PHE CB   C N N 193 
PHE CG   C Y N 194 
PHE CD1  C Y N 195 
PHE CD2  C Y N 196 
PHE CE1  C Y N 197 
PHE CE2  C Y N 198 
PHE CZ   C Y N 199 
PHE OXT  O N N 200 
PHE H    H N N 201 
PHE H2   H N N 202 
PHE HA   H N N 203 
PHE HB2  H N N 204 
PHE HB3  H N N 205 
PHE HD1  H N N 206 
PHE HD2  H N N 207 
PHE HE1  H N N 208 
PHE HE2  H N N 209 
PHE HZ   H N N 210 
PHE HXT  H N N 211 
TFA C1   C N N 212 
TFA C2   C N N 213 
TFA O    O N N 214 
TFA F1   F N N 215 
TFA F2   F N N 216 
TFA F3   F N N 217 
TFA OXT  O N N 218 
TFA HXT  H N N 219 
VAL N    N N N 220 
VAL CA   C N S 221 
VAL C    C N N 222 
VAL O    O N N 223 
VAL CB   C N N 224 
VAL CG1  C N N 225 
VAL CG2  C N N 226 
VAL OXT  O N N 227 
VAL H    H N N 228 
VAL H2   H N N 229 
VAL HA   H N N 230 
VAL HB   H N N 231 
VAL HG11 H N N 232 
VAL HG12 H N N 233 
VAL HG13 H N N 234 
VAL HG21 H N N 235 
VAL HG22 H N N 236 
VAL HG23 H N N 237 
VAL HXT  H N N 238 
# 
loop_
_chem_comp_bond.comp_id 
_chem_comp_bond.atom_id_1 
_chem_comp_bond.atom_id_2 
_chem_comp_bond.value_order 
_chem_comp_bond.pdbx_aromatic_flag 
_chem_comp_bond.pdbx_stereo_config 
_chem_comp_bond.pdbx_ordinal 
ALA N   CA   sing N N 1   
ALA N   H    sing N N 2   
ALA N   H2   sing N N 3   
ALA CA  C    sing N N 4   
ALA CA  CB   sing N N 5   
ALA CA  HA   sing N N 6   
ALA C   O    doub N N 7   
ALA C   OXT  sing N N 8   
ALA CB  HB1  sing N N 9   
ALA CB  HB2  sing N N 10  
ALA CB  HB3  sing N N 11  
ALA OXT HXT  sing N N 12  
ASP N   CA   sing N N 13  
ASP N   H    sing N N 14  
ASP N   H2   sing N N 15  
ASP CA  C    sing N N 16  
ASP CA  CB   sing N N 17  
ASP CA  HA   sing N N 18  
ASP C   O    doub N N 19  
ASP C   OXT  sing N N 20  
ASP CB  CG   sing N N 21  
ASP CB  HB2  sing N N 22  
ASP CB  HB3  sing N N 23  
ASP CG  OD1  doub N N 24  
ASP CG  OD2  sing N N 25  
ASP OD2 HD2  sing N N 26  
ASP OXT HXT  sing N N 27  
GLU N   CA   sing N N 28  
GLU N   H    sing N N 29  
GLU N   H2   sing N N 30  
GLU CA  C    sing N N 31  
GLU CA  CB   sing N N 32  
GLU CA  HA   sing N N 33  
GLU C   O    doub N N 34  
GLU C   OXT  sing N N 35  
GLU CB  CG   sing N N 36  
GLU CB  HB2  sing N N 37  
GLU CB  HB3  sing N N 38  
GLU CG  CD   sing N N 39  
GLU CG  HG2  sing N N 40  
GLU CG  HG3  sing N N 41  
GLU CD  OE1  doub N N 42  
GLU CD  OE2  sing N N 43  
GLU OE2 HE2  sing N N 44  
GLU OXT HXT  sing N N 45  
GLY N   CA   sing N N 46  
GLY N   H    sing N N 47  
GLY N   H2   sing N N 48  
GLY CA  C    sing N N 49  
GLY CA  HA2  sing N N 50  
GLY CA  HA3  sing N N 51  
GLY C   O    doub N N 52  
GLY C   OXT  sing N N 53  
GLY OXT HXT  sing N N 54  
HOH O   H1   sing N N 55  
HOH O   H2   sing N N 56  
ILE N   CA   sing N N 57  
ILE N   H    sing N N 58  
ILE N   H2   sing N N 59  
ILE CA  C    sing N N 60  
ILE CA  CB   sing N N 61  
ILE CA  HA   sing N N 62  
ILE C   O    doub N N 63  
ILE C   OXT  sing N N 64  
ILE CB  CG1  sing N N 65  
ILE CB  CG2  sing N N 66  
ILE CB  HB   sing N N 67  
ILE CG1 CD1  sing N N 68  
ILE CG1 HG12 sing N N 69  
ILE CG1 HG13 sing N N 70  
ILE CG2 HG21 sing N N 71  
ILE CG2 HG22 sing N N 72  
ILE CG2 HG23 sing N N 73  
ILE CD1 HD11 sing N N 74  
ILE CD1 HD12 sing N N 75  
ILE CD1 HD13 sing N N 76  
ILE OXT HXT  sing N N 77  
IML N   CA   sing N N 78  
IML N   CN   sing N N 79  
IML N   H    sing N N 80  
IML CA  C    sing N N 81  
IML CA  CB   sing N N 82  
IML CA  HA   sing N N 83  
IML C   O    doub N N 84  
IML C   OXT  sing N N 85  
IML OXT HXT  sing N N 86  
IML CB  CG2  sing N N 87  
IML CB  CG1  sing N N 88  
IML CB  HB   sing N N 89  
IML CN  HN1  sing N N 90  
IML CN  HN2  sing N N 91  
IML CN  HN3  sing N N 92  
IML CG2 HG21 sing N N 93  
IML CG2 HG22 sing N N 94  
IML CG2 HG23 sing N N 95  
IML CG1 CD1  sing N N 96  
IML CG1 HG12 sing N N 97  
IML CG1 HG13 sing N N 98  
IML CD1 HD11 sing N N 99  
IML CD1 HD12 sing N N 100 
IML CD1 HD13 sing N N 101 
LEU N   CA   sing N N 102 
LEU N   H    sing N N 103 
LEU N   H2   sing N N 104 
LEU CA  C    sing N N 105 
LEU CA  CB   sing N N 106 
LEU CA  HA   sing N N 107 
LEU C   O    doub N N 108 
LEU C   OXT  sing N N 109 
LEU CB  CG   sing N N 110 
LEU CB  HB2  sing N N 111 
LEU CB  HB3  sing N N 112 
LEU CG  CD1  sing N N 113 
LEU CG  CD2  sing N N 114 
LEU CG  HG   sing N N 115 
LEU CD1 HD11 sing N N 116 
LEU CD1 HD12 sing N N 117 
LEU CD1 HD13 sing N N 118 
LEU CD2 HD21 sing N N 119 
LEU CD2 HD22 sing N N 120 
LEU CD2 HD23 sing N N 121 
LEU OXT HXT  sing N N 122 
MET N   CA   sing N N 123 
MET N   H    sing N N 124 
MET N   H2   sing N N 125 
MET CA  C    sing N N 126 
MET CA  CB   sing N N 127 
MET CA  HA   sing N N 128 
MET C   O    doub N N 129 
MET C   OXT  sing N N 130 
MET CB  CG   sing N N 131 
MET CB  HB2  sing N N 132 
MET CB  HB3  sing N N 133 
MET CG  SD   sing N N 134 
MET CG  HG2  sing N N 135 
MET CG  HG3  sing N N 136 
MET SD  CE   sing N N 137 
MET CE  HE1  sing N N 138 
MET CE  HE2  sing N N 139 
MET CE  HE3  sing N N 140 
MET OXT HXT  sing N N 141 
ORN N   CA   sing N N 142 
ORN N   H    sing N N 143 
ORN N   H2   sing N N 144 
ORN CA  CB   sing N N 145 
ORN CA  C    sing N N 146 
ORN CA  HA   sing N N 147 
ORN CB  CG   sing N N 148 
ORN CB  HB2  sing N N 149 
ORN CB  HB3  sing N N 150 
ORN CG  CD   sing N N 151 
ORN CG  HG2  sing N N 152 
ORN CG  HG3  sing N N 153 
ORN CD  NE   sing N N 154 
ORN CD  HD2  sing N N 155 
ORN CD  HD3  sing N N 156 
ORN NE  HE1  sing N N 157 
ORN NE  HE2  sing N N 158 
ORN C   O    doub N N 159 
ORN C   OXT  sing N N 160 
ORN OXT HXT  sing N N 161 
PEG C1  O1   sing N N 162 
PEG C1  C2   sing N N 163 
PEG C1  H11  sing N N 164 
PEG C1  H12  sing N N 165 
PEG O1  HO1  sing N N 166 
PEG C2  O2   sing N N 167 
PEG C2  H21  sing N N 168 
PEG C2  H22  sing N N 169 
PEG O2  C3   sing N N 170 
PEG C3  C4   sing N N 171 
PEG C3  H31  sing N N 172 
PEG C3  H32  sing N N 173 
PEG C4  O4   sing N N 174 
PEG C4  H41  sing N N 175 
PEG C4  H42  sing N N 176 
PEG O4  HO4  sing N N 177 
PHE N   CA   sing N N 178 
PHE N   H    sing N N 179 
PHE N   H2   sing N N 180 
PHE CA  C    sing N N 181 
PHE CA  CB   sing N N 182 
PHE CA  HA   sing N N 183 
PHE C   O    doub N N 184 
PHE C   OXT  sing N N 185 
PHE CB  CG   sing N N 186 
PHE CB  HB2  sing N N 187 
PHE CB  HB3  sing N N 188 
PHE CG  CD1  doub Y N 189 
PHE CG  CD2  sing Y N 190 
PHE CD1 CE1  sing Y N 191 
PHE CD1 HD1  sing N N 192 
PHE CD2 CE2  doub Y N 193 
PHE CD2 HD2  sing N N 194 
PHE CE1 CZ   doub Y N 195 
PHE CE1 HE1  sing N N 196 
PHE CE2 CZ   sing Y N 197 
PHE CE2 HE2  sing N N 198 
PHE CZ  HZ   sing N N 199 
PHE OXT HXT  sing N N 200 
TFA C1  C2   sing N N 201 
TFA C1  O    doub N N 202 
TFA C1  OXT  sing N N 203 
TFA C2  F1   sing N N 204 
TFA C2  F2   sing N N 205 
TFA C2  F3   sing N N 206 
TFA OXT HXT  sing N N 207 
VAL N   CA   sing N N 208 
VAL N   H    sing N N 209 
VAL N   H2   sing N N 210 
VAL CA  C    sing N N 211 
VAL CA  CB   sing N N 212 
VAL CA  HA   sing N N 213 
VAL C   O    doub N N 214 
VAL C   OXT  sing N N 215 
VAL CB  CG1  sing N N 216 
VAL CB  CG2  sing N N 217 
VAL CB  HB   sing N N 218 
VAL CG1 HG11 sing N N 219 
VAL CG1 HG12 sing N N 220 
VAL CG1 HG13 sing N N 221 
VAL CG2 HG21 sing N N 222 
VAL CG2 HG22 sing N N 223 
VAL CG2 HG23 sing N N 224 
VAL OXT HXT  sing N N 225 
# 
_pdbx_audit_support.funding_organization   'National Institutes of Health/National Institute on Aging (NIH/NIA)' 
_pdbx_audit_support.country                'United States' 
_pdbx_audit_support.grant_number           AG072587 
_pdbx_audit_support.ordinal                1 
# 
_pdbx_initial_refinement_model.id               1 
_pdbx_initial_refinement_model.entity_id_list   ? 
_pdbx_initial_refinement_model.type             'experimental model' 
_pdbx_initial_refinement_model.source_name      PDB 
_pdbx_initial_refinement_model.accession_code   5W4H 
_pdbx_initial_refinement_model.details          ? 
# 
_atom_sites.entry_id                    8GJC 
_atom_sites.Cartn_transf_matrix[1][1]   ? 
_atom_sites.Cartn_transf_matrix[1][2]   ? 
_atom_sites.Cartn_transf_matrix[1][3]   ? 
_atom_sites.Cartn_transf_matrix[2][1]   ? 
_atom_sites.Cartn_transf_matrix[2][2]   ? 
_atom_sites.Cartn_transf_matrix[2][3]   ? 
_atom_sites.Cartn_transf_matrix[3][1]   ? 
_atom_sites.Cartn_transf_matrix[3][2]   ? 
_atom_sites.Cartn_transf_matrix[3][3]   ? 
_atom_sites.Cartn_transf_vector[1]      ? 
_atom_sites.Cartn_transf_vector[2]      ? 
_atom_sites.Cartn_transf_vector[3]      ? 
_atom_sites.fract_transf_matrix[1][1]   -0.00199482 
_atom_sites.fract_transf_matrix[1][2]   0.02505643 
_atom_sites.fract_transf_matrix[1][3]   -0.01684190 
_atom_sites.fract_transf_matrix[2][1]   0.01172699 
_atom_sites.fract_transf_matrix[2][2]   0.02599493 
_atom_sites.fract_transf_matrix[2][3]   0.01010777 
_atom_sites.fract_transf_matrix[3][1]   0.02719390 
_atom_sites.fract_transf_matrix[3][2]   -0.00697848 
_atom_sites.fract_transf_matrix[3][3]   -0.01360315 
_atom_sites.fract_transf_vector[1]      0.518809 
_atom_sites.fract_transf_vector[2]      0.497527 
_atom_sites.fract_transf_vector[3]      0.211291 
_atom_sites.solution_primary            ? 
_atom_sites.solution_secondary          ? 
_atom_sites.solution_hydrogens          ? 
_atom_sites.special_details             ? 
# 
loop_
_atom_type.symbol 
C 
F 
H 
N 
O 
S 
# 
loop_
_atom_site.group_PDB 
_atom_site.id 
_atom_site.type_symbol 
_atom_site.label_atom_id 
_atom_site.label_alt_id 
_atom_site.label_comp_id 
_atom_site.label_asym_id 
_atom_site.label_entity_id 
_atom_site.label_seq_id 
_atom_site.pdbx_PDB_ins_code 
_atom_site.Cartn_x 
_atom_site.Cartn_y 
_atom_site.Cartn_z 
_atom_site.occupancy 
_atom_site.B_iso_or_equiv 
_atom_site.pdbx_formal_charge 
_atom_site.auth_seq_id 
_atom_site.auth_comp_id 
_atom_site.auth_asym_id 
_atom_site.auth_atom_id 
_atom_site.pdbx_PDB_model_num 
HETATM 1   N N    . ORN A 1 1  ? -3.768 -7.421  10.035 1.00 12.07 ? 1   ORN A N    1 
HETATM 2   C CA   . ORN A 1 1  ? -3.627 -6.140  9.244  1.00 13.38 ? 1   ORN A CA   1 
HETATM 3   C CB   . ORN A 1 1  ? -3.482 -4.925  10.172 1.00 12.95 ? 1   ORN A CB   1 
HETATM 4   C CG   . ORN A 1 1  ? -4.741 -4.622  10.995 1.00 12.72 ? 1   ORN A CG   1 
HETATM 5   C CD   . ORN A 1 1  ? -5.868 -4.013  10.152 1.00 12.85 ? 1   ORN A CD   1 
HETATM 6   N NE   . ORN A 1 1  ? -5.409 -2.835  9.441  1.00 12.35 ? 1   ORN A NE   1 
HETATM 7   C C    . ORN A 1 1  ? -2.417 -6.198  8.327  1.00 11.87 ? 1   ORN A C    1 
HETATM 8   O O    . ORN A 1 1  ? -1.340 -6.661  8.704  1.00 11.72 ? 1   ORN A O    1 
HETATM 9   H H1   . ORN A 1 1  ? -3.609 -8.270  9.486  1.00 14.66 ? 1   ORN A H1   1 
HETATM 10  H H2   . ORN A 1 1  ? -3.117 -7.498  10.821 1.00 14.66 ? 1   ORN A H2   1 
HETATM 11  H H3   . ORN A 1 1  ? -4.692 -7.553  10.452 1.00 14.66 ? 1   ORN A H3   1 
HETATM 12  H HA   . ORN A 1 1  ? -4.532 -6.089  8.630  1.00 16.23 ? 1   ORN A HA   1 
HETATM 13  H HB2  . ORN A 1 1  ? -2.662 -5.119  10.877 1.00 15.71 ? 1   ORN A HB2  1 
HETATM 14  H HB3  . ORN A 1 1  ? -3.262 -4.039  9.560  1.00 15.71 ? 1   ORN A HB3  1 
HETATM 15  H HG2  . ORN A 1 1  ? -5.100 -5.551  11.453 1.00 15.44 ? 1   ORN A HG2  1 
HETATM 16  H HG3  . ORN A 1 1  ? -4.481 -3.926  11.801 1.00 15.44 ? 1   ORN A HG3  1 
HETATM 17  H HD2  . ORN A 1 1  ? -6.208 -4.756  9.424  1.00 15.59 ? 1   ORN A HD2  1 
HETATM 18  H HD3  . ORN A 1 1  ? -6.694 -3.731  10.813 1.00 15.59 ? 1   ORN A HD3  1 
HETATM 19  H HE1  . ORN A 1 1  ? -5.413 -1.981  9.961  1.00 14.99 ? 1   ORN A HE1  1 
ATOM   20  N N    . LEU A 1 2  ? -2.615 -5.692  7.070  1.00 11.54 ? 2   LEU A N    1 
ATOM   21  C CA   . LEU A 1 2  ? -1.540 -5.679  6.098  1.00 11.56 ? 2   LEU A CA   1 
ATOM   22  C C    . LEU A 1 2  ? -0.857 -4.330  6.066  1.00 10.70 ? 2   LEU A C    1 
ATOM   23  O O    . LEU A 1 2  ? -1.464 -3.294  6.363  1.00 11.90 ? 2   LEU A O    1 
ATOM   24  C CB   . LEU A 1 2  ? -2.048 -5.988  4.694  1.00 12.82 ? 2   LEU A CB   1 
ATOM   25  C CG   . LEU A 1 2  ? -2.735 -7.330  4.475  1.00 13.81 ? 2   LEU A CG   1 
ATOM   26  C CD1  . LEU A 1 2  ? -3.421 -7.331  3.123  1.00 16.14 ? 2   LEU A CD1  1 
ATOM   27  C CD2  . LEU A 1 2  ? -1.734 -8.457  4.567  1.00 17.62 ? 2   LEU A CD2  1 
ATOM   28  H H    . LEU A 1 2  ? -3.356 -5.363  6.786  1.00 14.02 ? 2   LEU A H    1 
ATOM   29  H HA   . LEU A 1 2  ? -0.902 -6.365  6.353  1.00 14.04 ? 2   LEU A HA   1 
ATOM   30  H HB2  . LEU A 1 2  ? -2.691 -5.302  4.453  1.00 15.56 ? 2   LEU A HB2  1 
ATOM   31  H HB3  . LEU A 1 2  ? -1.290 -5.959  4.090  1.00 15.56 ? 2   LEU A HB3  1 
ATOM   32  H HG   . LEU A 1 2  ? -3.403 -7.475  5.163  1.00 16.75 ? 2   LEU A HG   1 
ATOM   33  H HD11 . LEU A 1 2  ? -3.889 -8.171  3.006  1.00 19.54 ? 2   LEU A HD11 1 
ATOM   34  H HD12 . LEU A 1 2  ? -4.051 -6.594  3.088  1.00 19.54 ? 2   LEU A HD12 1 
ATOM   35  H HD13 . LEU A 1 2  ? -2.751 -7.225  2.429  1.00 19.54 ? 2   LEU A HD13 1 
ATOM   36  H HD21 . LEU A 1 2  ? -2.182 -9.294  4.369  1.00 21.32 ? 2   LEU A HD21 1 
ATOM   37  H HD22 . LEU A 1 2  ? -1.024 -8.301  3.925  1.00 21.32 ? 2   LEU A HD22 1 
ATOM   38  H HD23 . LEU A 1 2  ? -1.368 -8.482  5.465  1.00 21.32 ? 2   LEU A HD23 1 
ATOM   39  N N    . VAL A 1 3  ? 0.411  -4.357  5.682  1.00 10.31 ? 3   VAL A N    1 
ATOM   40  C CA   . VAL A 1 3  ? 1.182  -3.148  5.441  1.00 10.61 ? 3   VAL A CA   1 
ATOM   41  C C    . VAL A 1 3  ? 1.026  -2.779  3.972  1.00 11.18 ? 3   VAL A C    1 
ATOM   42  O O    . VAL A 1 3  ? 1.398  -3.556  3.087  1.00 11.31 ? 3   VAL A O    1 
ATOM   43  C CB   . VAL A 1 3  ? 2.660  -3.362  5.788  1.00 14.47 ? 3   VAL A CB   1 
ATOM   44  C CG1  . VAL A 1 3  ? 3.424  -2.067  5.608  1.00 14.02 ? 3   VAL A CG1  1 
ATOM   45  C CG2  . VAL A 1 3  ? 2.800  -3.896  7.201  1.00 12.77 ? 3   VAL A CG2  1 
ATOM   46  H H    . VAL A 1 3  ? 0.856  -5.081  5.552  1.00 12.54 ? 3   VAL A H    1 
ATOM   47  H HA   . VAL A 1 3  ? 0.836  -2.426  5.987  1.00 12.91 ? 3   VAL A HA   1 
ATOM   48  H HB   . VAL A 1 3  ? 3.043  -4.023  5.189  1.00 17.53 ? 3   VAL A HB   1 
ATOM   49  H HG11 . VAL A 1 3  ? 4.357  -2.217  5.827  1.00 17.00 ? 3   VAL A HG11 1 
ATOM   50  H HG12 . VAL A 1 3  ? 3.343  -1.778  4.685  1.00 17.00 ? 3   VAL A HG12 1 
ATOM   51  H HG13 . VAL A 1 3  ? 3.050  -1.394  6.198  1.00 17.00 ? 3   VAL A HG13 1 
ATOM   52  H HG21 . VAL A 1 3  ? 3.740  -4.039  7.393  1.00 15.49 ? 3   VAL A HG21 1 
ATOM   53  H HG22 . VAL A 1 3  ? 2.431  -3.247  7.821  1.00 15.49 ? 3   VAL A HG22 1 
ATOM   54  H HG23 . VAL A 1 3  ? 2.316  -4.733  7.271  1.00 15.49 ? 3   VAL A HG23 1 
ATOM   55  N N    . PHE A 1 4  ? 0.486  -1.592  3.716  1.00 11.24 ? 4   PHE A N    1 
ATOM   56  C CA   . PHE A 1 4  ? 0.327  -1.061  2.371  1.00 13.63 ? 4   PHE A CA   1 
ATOM   57  C C    . PHE A 1 4  ? 1.284  0.110   2.170  1.00 11.15 ? 4   PHE A C    1 
ATOM   58  O O    . PHE A 1 4  ? 1.429  0.961   3.054  1.00 12.71 ? 4   PHE A O    1 
ATOM   59  C CB   . PHE A 1 4  ? -1.096 -0.534  2.172  1.00 11.38 ? 4   PHE A CB   1 
ATOM   60  C CG   . PHE A 1 4  ? -2.133 -1.596  1.907  1.00 11.52 ? 4   PHE A CG   1 
ATOM   61  C CD1  . PHE A 1 4  ? -2.808 -2.218  2.950  1.00 13.39 ? 4   PHE A CD1  1 
ATOM   62  C CD2  . PHE A 1 4  ? -2.470 -1.934  0.605  1.00 10.62 ? 4   PHE A CD2  1 
ATOM   63  C CE1  . PHE A 1 4  ? -3.786 -3.170  2.693  1.00 12.47 ? 4   PHE A CE1  1 
ATOM   64  C CE2  . PHE A 1 4  ? -3.439 -2.884  0.342  1.00 11.38 ? 4   PHE A CE2  1 
ATOM   65  C CZ   . PHE A 1 4  ? -4.096 -3.506  1.386  1.00 10.93 ? 4   PHE A CZ   1 
ATOM   66  H H    . PHE A 1 4  ? 0.196  -1.060  4.326  1.00 13.66 ? 4   PHE A H    1 
ATOM   67  H HA   . PHE A 1 4  ? 0.518  -1.759  1.726  1.00 16.53 ? 4   PHE A HA   1 
ATOM   68  H HB2  . PHE A 1 4  ? -1.364 -0.058  2.974  1.00 13.83 ? 4   PHE A HB2  1 
ATOM   69  H HB3  . PHE A 1 4  ? -1.097 0.069   1.412  1.00 13.83 ? 4   PHE A HB3  1 
ATOM   70  H HD1  . PHE A 1 4  ? -2.603 -1.995  3.830  1.00 16.24 ? 4   PHE A HD1  1 
ATOM   71  H HD2  . PHE A 1 4  ? -2.037 -1.516  -0.103 1.00 12.91 ? 4   PHE A HD2  1 
ATOM   72  H HE1  . PHE A 1 4  ? -4.232 -3.581  3.398  1.00 15.14 ? 4   PHE A HE1  1 
ATOM   73  H HE2  . PHE A 1 4  ? -3.649 -3.105  -0.537 1.00 13.82 ? 4   PHE A HE2  1 
ATOM   74  H HZ   . PHE A 1 4  ? -4.745 -4.149  1.211  1.00 13.28 ? 4   PHE A HZ   1 
ATOM   75  N N    . PHE A 1 5  ? 1.919  0.161   1.000  1.00 11.00 ? 5   PHE A N    1 
ATOM   76  C CA   . PHE A 1 5  ? 2.805  1.255   0.625  1.00 11.74 ? 5   PHE A CA   1 
ATOM   77  C C    . PHE A 1 5  ? 2.291  1.956   -0.625 1.00 11.31 ? 5   PHE A C    1 
ATOM   78  O O    . PHE A 1 5  ? 1.915  1.304   -1.604 1.00 12.20 ? 5   PHE A O    1 
ATOM   79  C CB   . PHE A 1 5  ? 4.230  0.760   0.355  1.00 16.06 ? 5   PHE A CB   1 
ATOM   80  C CG   . PHE A 1 5  ? 4.820  -0.016  1.489  1.00 32.98 ? 5   PHE A CG   1 
ATOM   81  C CD1  . PHE A 1 5  ? 4.707  -1.386  1.526  1.00 38.34 ? 5   PHE A CD1  1 
ATOM   82  C CD2  . PHE A 1 5  ? 5.510  0.621   2.505  1.00 32.85 ? 5   PHE A CD2  1 
ATOM   83  C CE1  . PHE A 1 5  ? 5.245  -2.118  2.566  1.00 35.96 ? 5   PHE A CE1  1 
ATOM   84  C CE2  . PHE A 1 5  ? 6.057  -0.105  3.547  1.00 29.92 ? 5   PHE A CE2  1 
ATOM   85  C CZ   . PHE A 1 5  ? 5.926  -1.481  3.572  1.00 38.66 ? 5   PHE A CZ   1 
ATOM   86  H H    . PHE A 1 5  ? 1.850  -0.445  0.393  1.00 13.38 ? 5   PHE A H    1 
ATOM   87  H HA   . PHE A 1 5  ? 2.815  1.891   1.358  1.00 14.26 ? 5   PHE A HA   1 
ATOM   88  H HB2  . PHE A 1 5  ? 4.216  0.182   -0.424 1.00 19.44 ? 5   PHE A HB2  1 
ATOM   89  H HB3  . PHE A 1 5  ? 4.801  1.527   0.190  1.00 19.44 ? 5   PHE A HB3  1 
ATOM   90  H HD1  . PHE A 1 5  ? 4.260  -1.827  0.839  1.00 46.18 ? 5   PHE A HD1  1 
ATOM   91  H HD2  . PHE A 1 5  ? 5.607  1.546   2.487  1.00 39.59 ? 5   PHE A HD2  1 
ATOM   92  H HE1  . PHE A 1 5  ? 5.146  -3.044  2.585  1.00 43.33 ? 5   PHE A HE1  1 
ATOM   93  H HE2  . PHE A 1 5  ? 6.513  0.331   4.231  1.00 36.07 ? 5   PHE A HE2  1 
ATOM   94  H HZ   . PHE A 1 5  ? 6.297  -1.972  4.268  1.00 46.57 ? 5   PHE A HZ   1 
ATOM   95  N N    . ALA A 1 6  ? 2.288  3.282   -0.578 1.00 11.43 ? 6   ALA A N    1 
ATOM   96  C CA   . ALA A 1 6  ? 2.144  4.134   -1.743 1.00 12.49 ? 6   ALA A CA   1 
ATOM   97  C C    . ALA A 1 6  ? 3.358  5.048   -1.794 1.00 12.39 ? 6   ALA A C    1 
ATOM   98  O O    . ALA A 1 6  ? 4.094  5.182   -0.813 1.00 14.42 ? 6   ALA A O    1 
ATOM   99  C CB   . ALA A 1 6  ? 0.870  4.978   -1.666 1.00 12.41 ? 6   ALA A CB   1 
ATOM   100 H H    . ALA A 1 6  ? 2.373  3.730   0.153  1.00 13.89 ? 6   ALA A H    1 
ATOM   101 H HA   . ALA A 1 6  ? 2.091  3.601   -2.552 1.00 15.16 ? 6   ALA A HA   1 
ATOM   102 H HB1  . ALA A 1 6  ? 0.793  5.507   -2.475 1.00 15.06 ? 6   ALA A HB1  1 
ATOM   103 H HB2  . ALA A 1 6  ? 0.104  4.387   -1.584 1.00 15.06 ? 6   ALA A HB2  1 
ATOM   104 H HB3  . ALA A 1 6  ? 0.923  5.559   -0.892 1.00 15.06 ? 6   ALA A HB3  1 
ATOM   105 N N    . GLU A 1 7  ? 3.580  5.664   -2.946 1.00 13.81 ? 7   GLU A N    1 
ATOM   106 C CA   . GLU A 1 7  ? 4.652  6.635   -3.098 1.00 16.65 ? 7   GLU A CA   1 
ATOM   107 C C    . GLU A 1 7  ? 4.042  7.992   -3.412 1.00 20.00 ? 7   GLU A C    1 
ATOM   108 O O    . GLU A 1 7  ? 3.114  8.096   -4.222 1.00 16.68 ? 7   GLU A O    1 
ATOM   109 C CB   . GLU A 1 7  ? 5.662  6.218   -4.169 1.00 18.68 ? 7   GLU A CB   1 
ATOM   110 C CG   . GLU A 1 7  ? 5.106  6.075   -5.564 1.00 30.14 ? 7   GLU A CG   1 
ATOM   111 C CD   . GLU A 1 7  ? 5.285  7.338   -6.395 1.00 44.48 ? 7   GLU A CD   1 
ATOM   112 O OE1  . GLU A 1 7  ? 4.690  7.414   -7.494 1.00 26.95 ? 7   GLU A OE1  1 
ATOM   113 O OE2  . GLU A 1 7  ? 6.003  8.263   -5.946 1.00 34.87 ? 7   GLU A OE2  1 
ATOM   114 H H    . GLU A 1 7  ? 3.119  5.535   -3.660 1.00 16.74 ? 7   GLU A H    1 
ATOM   115 H HA   . GLU A 1 7  ? 5.150  6.711   -2.269 1.00 20.15 ? 7   GLU A HA   1 
ATOM   116 H HB2  . GLU A 1 7  ? 6.363  6.888   -4.205 1.00 22.59 ? 7   GLU A HB2  1 
ATOM   117 H HB3  . GLU A 1 7  ? 6.036  5.359   -3.918 1.00 22.59 ? 7   GLU A HB3  1 
ATOM   118 H HG2  . GLU A 1 7  ? 5.567  5.351   -6.016 1.00 36.34 ? 7   GLU A HG2  1 
ATOM   119 H HG3  . GLU A 1 7  ? 4.157  5.883   -5.509 1.00 36.34 ? 7   GLU A HG3  1 
ATOM   120 N N    . ASP A 1 8  ? 4.546  9.018   -2.737 1.00 21.25 ? 8   ASP A N    1 
ATOM   121 C CA   . ASP A 1 8  ? 4.042  10.364  -2.903 1.00 23.30 ? 8   ASP A CA   1 
ATOM   122 C C    . ASP A 1 8  ? 5.160  11.371  -2.674 1.00 31.72 ? 8   ASP A C    1 
ATOM   123 O O    . ASP A 1 8  ? 5.687  11.490  -1.564 1.00 23.63 ? 8   ASP A O    1 
ATOM   124 C CB   . ASP A 1 8  ? 2.916  10.631  -1.911 1.00 26.42 ? 8   ASP A CB   1 
ATOM   125 C CG   . ASP A 1 8  ? 2.467  12.078  -1.926 1.00 36.70 ? 8   ASP A CG   1 
ATOM   126 O OD1  . ASP A 1 8  ? 1.783  12.482  -2.891 1.00 41.25 ? 8   ASP A OD1  1 
ATOM   127 O OD2  . ASP A 1 8  ? 2.817  12.819  -0.983 1.00 48.18 ? 8   ASP A OD2  1 
ATOM   128 H H    . ASP A 1 8  ? 5.190  8.954   -2.171 1.00 25.67 ? 8   ASP A H    1 
ATOM   129 H HA   . ASP A 1 8  ? 3.695  10.471  -3.802 1.00 28.13 ? 8   ASP A HA   1 
ATOM   130 H HB2  . ASP A 1 8  ? 2.154  10.077  -2.139 1.00 31.87 ? 8   ASP A HB2  1 
ATOM   131 H HB3  . ASP A 1 8  ? 3.225  10.420  -1.017 1.00 31.87 ? 8   ASP A HB3  1 
HETATM 132 N N    . ORN A 1 9  ? 10.165 12.972  -2.198 1.00 25.88 ? 9   ORN A N    1 
HETATM 133 C CA   . ORN A 1 9  ? 9.028  12.019  -1.994 1.00 28.52 ? 9   ORN A CA   1 
HETATM 134 C CB   . ORN A 1 9  ? 8.481  11.512  -3.343 1.00 27.89 ? 9   ORN A CB   1 
HETATM 135 C CG   . ORN A 1 9  ? 7.905  12.614  -4.221 1.00 32.89 ? 9   ORN A CG   1 
HETATM 136 C CD   . ORN A 1 9  ? 6.564  13.129  -3.696 1.00 36.72 ? 9   ORN A CD   1 
HETATM 137 N NE   . ORN A 1 9  ? 5.524  12.118  -3.772 1.00 32.28 ? 9   ORN A NE   1 
HETATM 138 C C    . ORN A 1 9  ? 9.472  10.815  -1.165 1.00 26.21 ? 9   ORN A C    1 
HETATM 139 O O    . ORN A 1 9  ? 10.662 10.533  -1.001 1.00 28.69 ? 9   ORN A O    1 
HETATM 140 H H    . ORN A 1 9  ? 9.886  13.870  -2.600 1.00 31.23 ? 9   ORN A H    1 
HETATM 141 H HA   . ORN A 1 9  ? 8.282  12.583  -1.428 1.00 34.40 ? 9   ORN A HA   1 
HETATM 142 H HB2  . ORN A 1 9  ? 9.300  11.036  -3.899 1.00 33.64 ? 9   ORN A HB2  1 
HETATM 143 H HB3  . ORN A 1 9  ? 7.678  10.787  -3.147 1.00 33.64 ? 9   ORN A HB3  1 
HETATM 144 H HG2  . ORN A 1 9  ? 7.769  12.228  -5.237 1.00 39.64 ? 9   ORN A HG2  1 
HETATM 145 H HG3  . ORN A 1 9  ? 8.617  13.445  -4.267 1.00 39.64 ? 9   ORN A HG3  1 
HETATM 146 H HD2  . ORN A 1 9  ? 6.687  13.426  -2.650 1.00 44.23 ? 9   ORN A HD2  1 
HETATM 147 H HD3  . ORN A 1 9  ? 6.259  13.991  -4.297 1.00 44.23 ? 9   ORN A HD3  1 
HETATM 148 H HE1  . ORN A 1 9  ? 5.076  12.013  -4.677 1.00 38.91 ? 9   ORN A HE1  1 
HETATM 149 H HN3  . ORN A 1 9  ? 10.892 12.623  -2.826 1.00 31.23 ? 9   ORN A HN3  1 
ATOM   150 N N    . GLY A 1 10 ? 8.449  10.070  -0.642 1.00 18.45 ? 10  GLY A N    1 
ATOM   151 C CA   . GLY A 1 10 ? 8.693  8.889   0.152  1.00 17.03 ? 10  GLY A CA   1 
ATOM   152 C C    . GLY A 1 10 ? 7.461  8.011   0.183  1.00 16.53 ? 10  GLY A C    1 
ATOM   153 O O    . GLY A 1 10 ? 6.493  8.244   -0.545 1.00 17.12 ? 10  GLY A O    1 
ATOM   154 H H    . GLY A 1 10 ? 7.615  10.251  -0.749 1.00 22.31 ? 10  GLY A H    1 
ATOM   155 H HA2  . GLY A 1 10 ? 9.430  8.385   -0.228 1.00 20.61 ? 10  GLY A HA2  1 
ATOM   156 H HA3  . GLY A 1 10 ? 8.919  9.145   1.060  1.00 20.61 ? 10  GLY A HA3  1 
ATOM   157 N N    . ALA A 1 11 ? 7.498  7.005   1.045  1.00 13.33 ? 11  ALA A N    1 
ATOM   158 C CA   . ALA A 1 11 ? 6.434  6.020   1.129  1.00 16.45 ? 11  ALA A CA   1 
ATOM   159 C C    . ALA A 1 11 ? 5.348  6.498   2.083  1.00 16.40 ? 11  ALA A C    1 
ATOM   160 O O    . ALA A 1 11 ? 5.636  6.924   3.206  1.00 14.52 ? 11  ALA A O    1 
ATOM   161 C CB   . ALA A 1 11 ? 7.001  4.689   1.621  1.00 15.36 ? 11  ALA A CB   1 
ATOM   162 H H    . ALA A 1 11 ? 8.140  6.869   1.601  1.00 16.17 ? 11  ALA A H    1 
ATOM   163 H HA   . ALA A 1 11 ? 6.035  5.899   0.254  1.00 19.91 ? 11  ALA A HA   1 
ATOM   164 H HB1  . ALA A 1 11 ? 6.281  4.043   1.684  1.00 18.61 ? 11  ALA A HB1  1 
ATOM   165 H HB2  . ALA A 1 11 ? 7.670  4.380   0.990  1.00 18.61 ? 11  ALA A HB2  1 
ATOM   166 H HB3  . ALA A 1 11 ? 7.404  4.822   2.493  1.00 18.61 ? 11  ALA A HB3  1 
ATOM   167 N N    . ILE A 1 12 ? 4.105  6.440   1.622  1.00 13.74 ? 12  ILE A N    1 
ATOM   168 C CA   . ILE A 1 12 ? 2.959  6.587   2.500  1.00 12.92 ? 12  ILE A CA   1 
ATOM   169 C C    . ILE A 1 12 ? 2.654  5.189   3.038  1.00 14.00 ? 12  ILE A C    1 
ATOM   170 O O    . ILE A 1 12 ? 2.380  4.275   2.248  1.00 12.53 ? 12  ILE A O    1 
ATOM   171 C CB   . ILE A 1 12 ? 1.756  7.168   1.750  1.00 12.95 ? 12  ILE A CB   1 
ATOM   172 C CG1  . ILE A 1 12 ? 2.159  8.448   1.016  1.00 18.21 ? 12  ILE A CG1  1 
ATOM   173 C CG2  . ILE A 1 12 ? 0.613  7.423   2.708  1.00 14.75 ? 12  ILE A CG2  1 
ATOM   174 C CD1  . ILE A 1 12 ? 2.619  9.555   1.925  1.00 20.74 ? 12  ILE A CD1  1 
ATOM   175 H H    . ILE A 1 12 ? 3.899  6.315   0.797  1.00 16.66 ? 12  ILE A H    1 
ATOM   176 H HA   . ILE A 1 12 ? 3.147  7.202   3.226  1.00 15.67 ? 12  ILE A HA   1 
ATOM   177 H HB   . ILE A 1 12 ? 1.457  6.523   1.090  1.00 15.71 ? 12  ILE A HB   1 
ATOM   178 H HG12 . ILE A 1 12 ? 2.887  8.242   0.410  1.00 22.03 ? 12  ILE A HG12 1 
ATOM   179 H HG13 . ILE A 1 12 ? 1.394  8.774   0.518  1.00 22.03 ? 12  ILE A HG13 1 
ATOM   180 H HG21 . ILE A 1 12 ? -0.069 7.943   2.254  1.00 17.88 ? 12  ILE A HG21 1 
ATOM   181 H HG22 . ILE A 1 12 ? 0.245  6.573   2.995  1.00 17.88 ? 12  ILE A HG22 1 
ATOM   182 H HG23 . ILE A 1 12 ? 0.947  7.915   3.474  1.00 17.88 ? 12  ILE A HG23 1 
ATOM   183 H HD11 . ILE A 1 12 ? 2.819  10.340  1.391  1.00 25.06 ? 12  ILE A HD11 1 
ATOM   184 H HD12 . ILE A 1 12 ? 1.915  9.758   2.559  1.00 25.06 ? 12  ILE A HD12 1 
ATOM   185 H HD13 . ILE A 1 12 ? 3.416  9.266   2.398  1.00 25.06 ? 12  ILE A HD13 1 
HETATM 186 N N    . IML A 1 13 ? 2.695  5.009   4.359  1.00 15.09 ? 13  IML A N    1 
HETATM 187 C CA   . IML A 1 13 ? 2.512  3.690   4.927  1.00 14.66 ? 13  IML A CA   1 
HETATM 188 C C    . IML A 1 13 ? 1.194  3.493   5.667  1.00 12.09 ? 13  IML A C    1 
HETATM 189 O O    . IML A 1 13 ? 0.859  4.136   6.663  1.00 13.87 ? 13  IML A O    1 
HETATM 190 C CB   . IML A 1 13 ? 3.700  3.258   5.823  1.00 13.32 ? 13  IML A CB   1 
HETATM 191 C CN   . IML A 1 13 ? 2.873  6.035   5.354  1.00 14.51 ? 13  IML A CN   1 
HETATM 192 C CG2  . IML A 1 13 ? 3.551  1.822   6.282  1.00 13.55 ? 13  IML A CG2  1 
HETATM 193 C CG1  . IML A 1 13 ? 5.018  3.466   5.084  1.00 14.74 ? 13  IML A CG1  1 
HETATM 194 C CD1  . IML A 1 13 ? 6.215  3.165   5.944  1.00 15.19 ? 13  IML A CD1  1 
HETATM 195 H HA   . IML A 1 13 ? 2.473  2.952   4.065  1.00 17.76 ? 13  IML A HA   1 
HETATM 196 H HB   . IML A 1 13 ? 3.687  3.931   6.727  1.00 16.16 ? 13  IML A HB   1 
HETATM 197 H HN1  . IML A 1 13 ? 3.967  6.278   5.417  1.00 17.58 ? 13  IML A HN1  1 
HETATM 198 H HN2  . IML A 1 13 ? 2.498  5.643   6.335  1.00 17.58 ? 13  IML A HN2  1 
HETATM 199 H HN3  . IML A 1 13 ? 2.286  6.937   5.038  1.00 17.58 ? 13  IML A HN3  1 
HETATM 200 H HG21 . IML A 1 13 ? 3.481  1.130   5.406  1.00 16.44 ? 13  IML A HG21 1 
HETATM 201 H HG22 . IML A 1 13 ? 2.629  1.695   6.899  1.00 16.44 ? 13  IML A HG22 1 
HETATM 202 H HG23 . IML A 1 13 ? 4.429  1.510   6.900  1.00 16.44 ? 13  IML A HG23 1 
HETATM 203 H HG12 . IML A 1 13 ? 5.087  4.526   4.719  1.00 17.86 ? 13  IML A HG12 1 
HETATM 204 H HG13 . IML A 1 13 ? 5.051  2.812   4.172  1.00 17.86 ? 13  IML A HG13 1 
HETATM 205 H HD11 . IML A 1 13 ? 6.071  3.603   6.962  1.00 18.40 ? 13  IML A HD11 1 
HETATM 206 H HD12 . IML A 1 13 ? 6.348  2.061   6.038  1.00 18.40 ? 13  IML A HD12 1 
HETATM 207 H HD13 . IML A 1 13 ? 7.134  3.606   5.484  1.00 18.40 ? 13  IML A HD13 1 
ATOM   208 N N    . GLY A 1 14 ? 0.408  2.563   5.138  1.00 11.32 ? 14  GLY A N    1 
ATOM   209 C CA   . GLY A 1 14 ? -0.843 2.187   5.758  1.00 11.12 ? 14  GLY A CA   1 
ATOM   210 C C    . GLY A 1 14 ? -0.716 0.906   6.567  1.00 12.95 ? 14  GLY A C    1 
ATOM   211 O O    . GLY A 1 14 ? -0.286 -0.121  6.046  1.00 11.93 ? 14  GLY A O    1 
ATOM   212 H H    . GLY A 1 14 ? 0.584  2.134   4.413  1.00 13.76 ? 14  GLY A H    1 
ATOM   213 H HA2  . GLY A 1 14 ? -1.135 2.898   6.350  1.00 13.52 ? 14  GLY A HA2  1 
ATOM   214 H HA3  . GLY A 1 14 ? -1.516 2.052   5.072  1.00 13.52 ? 14  GLY A HA3  1 
ATOM   215 N N    . LEU A 1 15 ? -1.070 0.979   7.846  1.00 11.00 ? 15  LEU A N    1 
ATOM   216 C CA   . LEU A 1 15 ? -1.168 -0.190  8.714  1.00 12.05 ? 15  LEU A CA   1 
ATOM   217 C C    . LEU A 1 15 ? -2.658 -0.484  8.758  1.00 11.27 ? 15  LEU A C    1 
ATOM   218 O O    . LEU A 1 15 ? -3.378 -0.015  9.638  1.00 11.35 ? 15  LEU A O    1 
ATOM   219 C CB   . LEU A 1 15 ? -0.620 0.146   10.086 1.00 13.56 ? 15  LEU A CB   1 
ATOM   220 C CG   . LEU A 1 15 ? 0.775  0.785   10.033 1.00 13.31 ? 15  LEU A CG   1 
ATOM   221 C CD1  . LEU A 1 15 ? 1.324  1.016   11.434 1.00 17.82 ? 15  LEU A CD1  1 
ATOM   222 C CD2  . LEU A 1 15 ? 1.743  -0.072  9.205  1.00 14.72 ? 15  LEU A CD2  1 
ATOM   223 H H    . LEU A 1 15 ? -1.264 1.716   8.247  1.00 13.38 ? 15  LEU A H    1 
ATOM   224 H HA   . LEU A 1 15 ? -0.660 -0.961  8.415  1.00 14.63 ? 15  LEU A HA   1 
ATOM   225 H HB2  . LEU A 1 15 ? -1.221 0.773   10.520 1.00 16.45 ? 15  LEU A HB2  1 
ATOM   226 H HB3  . LEU A 1 15 ? -0.557 -0.669  10.609 1.00 16.45 ? 15  LEU A HB3  1 
ATOM   227 H HG   . LEU A 1 15 ? 0.698  1.648   9.598  1.00 16.15 ? 15  LEU A HG   1 
ATOM   228 H HD11 . LEU A 1 15 ? 2.233  1.350   11.366 1.00 21.56 ? 15  LEU A HD11 1 
ATOM   229 H HD12 . LEU A 1 15 ? 0.766  1.668   11.888 1.00 21.56 ? 15  LEU A HD12 1 
ATOM   230 H HD13 . LEU A 1 15 ? 1.315  0.177   11.919 1.00 21.56 ? 15  LEU A HD13 1 
ATOM   231 H HD21 . LEU A 1 15 ? 2.635  0.305   9.272  1.00 17.84 ? 15  LEU A HD21 1 
ATOM   232 H HD22 . LEU A 1 15 ? 1.739  -0.977  9.553  1.00 17.84 ? 15  LEU A HD22 1 
ATOM   233 H HD23 . LEU A 1 15 ? 1.452  -0.071  8.280  1.00 17.84 ? 15  LEU A HD23 1 
HETATM 234 N N    . ORN B 1 1  ? -6.248 10.679  -5.131 1.00 15.93 ? 1   ORN B N    1 
HETATM 235 C CA   . ORN B 1 1  ? -6.135 9.329   -4.471 1.00 13.78 ? 1   ORN B CA   1 
HETATM 236 C CB   . ORN B 1 1  ? -7.362 8.487   -4.756 1.00 13.90 ? 1   ORN B CB   1 
HETATM 237 C CG   . ORN B 1 1  ? -8.637 9.072   -4.140 1.00 16.45 ? 1   ORN B CG   1 
HETATM 238 C CD   . ORN B 1 1  ? -8.609 8.993   -2.617 1.00 13.69 ? 1   ORN B CD   1 
HETATM 239 N NE   . ORN B 1 1  ? -8.511 7.615   -2.196 1.00 13.78 ? 1   ORN B NE   1 
HETATM 240 C C    . ORN B 1 1  ? -4.887 8.605   -4.956 1.00 11.65 ? 1   ORN B C    1 
HETATM 241 O O    . ORN B 1 1  ? -4.460 8.737   -6.106 1.00 10.94 ? 1   ORN B O    1 
HETATM 242 H H1   . ORN B 1 1  ? -5.388 11.231  -5.101 1.00 19.29 ? 1   ORN B H1   1 
HETATM 243 H H2   . ORN B 1 1  ? -6.493 10.637  -6.124 1.00 19.29 ? 1   ORN B H2   1 
HETATM 244 H H3   . ORN B 1 1  ? -6.959 11.287  -4.716 1.00 19.29 ? 1   ORN B H3   1 
HETATM 245 H HA   . ORN B 1 1  ? -6.019 9.527   -3.402 1.00 16.71 ? 1   ORN B HA   1 
HETATM 246 H HB2  . ORN B 1 1  ? -7.211 7.483   -4.333 1.00 16.85 ? 1   ORN B HB2  1 
HETATM 247 H HB3  . ORN B 1 1  ? -7.508 8.427   -5.844 1.00 16.85 ? 1   ORN B HB3  1 
HETATM 248 H HG2  . ORN B 1 1  ? -8.742 10.118  -4.448 1.00 19.91 ? 1   ORN B HG2  1 
HETATM 249 H HG3  . ORN B 1 1  ? -9.507 8.521   -4.516 1.00 19.91 ? 1   ORN B HG3  1 
HETATM 250 H HD2  . ORN B 1 1  ? -7.741 9.546   -2.244 1.00 16.60 ? 1   ORN B HD2  1 
HETATM 251 H HD3  . ORN B 1 1  ? -9.530 9.428   -2.216 1.00 16.60 ? 1   ORN B HD3  1 
HETATM 252 H HE1  . ORN B 1 1  ? -9.379 7.122   -2.116 1.00 16.70 ? 1   ORN B HE1  1 
ATOM   253 N N    . LEU B 1 2  ? -4.288 7.806   -4.016 1.00 10.44 ? 2   LEU B N    1 
ATOM   254 C CA   . LEU B 1 2  ? -3.077 7.064   -4.305 1.00 10.56 ? 2   LEU B CA   1 
ATOM   255 C C    . LEU B 1 2  ? -3.298 5.583   -4.524 1.00 9.50  ? 2   LEU B C    1 
ATOM   256 O O    . LEU B 1 2  ? -4.279 5.003   -4.050 1.00 11.05 ? 2   LEU B O    1 
ATOM   257 C CB   . LEU B 1 2  ? -2.084 7.235   -3.152 1.00 14.36 ? 2   LEU B CB   1 
ATOM   258 C CG   . LEU B 1 2  ? -1.655 8.667   -2.827 1.00 17.44 ? 2   LEU B CG   1 
ATOM   259 C CD1  . LEU B 1 2  ? -0.752 8.701   -1.601 1.00 19.88 ? 2   LEU B CD1  1 
ATOM   260 C CD2  . LEU B 1 2  ? -0.938 9.297   -4.003 1.00 19.18 ? 2   LEU B CD2  1 
ATOM   261 H H    . LEU B 1 2  ? -4.583 7.695   -3.216 1.00 12.70 ? 2   LEU B H    1 
ATOM   262 H HA   . LEU B 1 2  ? -2.717 7.421   -5.132 1.00 12.85 ? 2   LEU B HA   1 
ATOM   263 H HB2  . LEU B 1 2  ? -2.490 6.870   -2.349 1.00 17.40 ? 2   LEU B HB2  1 
ATOM   264 H HB3  . LEU B 1 2  ? -1.281 6.739   -3.371 1.00 17.40 ? 2   LEU B HB3  1 
ATOM   265 H HG   . LEU B 1 2  ? -2.453 9.187   -2.637 1.00 21.11 ? 2   LEU B HG   1 
ATOM   266 H HD11 . LEU B 1 2  ? -0.561 9.624   -1.374 1.00 24.03 ? 2   LEU B HD11 1 
ATOM   267 H HD12 . LEU B 1 2  ? -1.207 8.266   -0.861 1.00 24.03 ? 2   LEU B HD12 1 
ATOM   268 H HD13 . LEU B 1 2  ? 0.073  8.232   -1.803 1.00 24.03 ? 2   LEU B HD13 1 
ATOM   269 H HD21 . LEU B 1 2  ? -0.634 10.183  -3.751 1.00 23.19 ? 2   LEU B HD21 1 
ATOM   270 H HD22 . LEU B 1 2  ? -0.180 8.743   -4.244 1.00 23.19 ? 2   LEU B HD22 1 
ATOM   271 H HD23 . LEU B 1 2  ? -1.553 9.359   -4.751 1.00 23.19 ? 2   LEU B HD23 1 
ATOM   272 N N    . VAL B 1 3  ? -2.348 4.992   -5.241 1.00 10.55 ? 3   VAL B N    1 
ATOM   273 C CA   . VAL B 1 3  ? -2.271 3.552   -5.434 1.00 10.49 ? 3   VAL B CA   1 
ATOM   274 C C    . VAL B 1 3  ? -1.391 2.969   -4.340 1.00 9.48  ? 3   VAL B C    1 
ATOM   275 O O    . VAL B 1 3  ? -0.248 3.406   -4.159 1.00 10.85 ? 3   VAL B O    1 
ATOM   276 C CB   . VAL B 1 3  ? -1.681 3.220   -6.812 1.00 11.67 ? 3   VAL B CB   1 
ATOM   277 C CG1  . VAL B 1 3  ? -1.746 1.729   -7.034 1.00 12.61 ? 3   VAL B CG1  1 
ATOM   278 C CG2  . VAL B 1 3  ? -2.405 3.995   -7.915 1.00 11.96 ? 3   VAL B CG2  1 
ATOM   279 H H    . VAL B 1 3  ? -1.717 5.420   -5.640 1.00 12.83 ? 3   VAL B H    1 
ATOM   280 H HA   . VAL B 1 3  ? -3.161 3.169   -5.367 1.00 12.76 ? 3   VAL B HA   1 
ATOM   281 H HB   . VAL B 1 3  ? -0.752 3.494   -6.849 1.00 14.18 ? 3   VAL B HB   1 
ATOM   282 H HG11 . VAL B 1 3  ? -1.545 1.540   -7.964 1.00 15.30 ? 3   VAL B HG11 1 
ATOM   283 H HG12 . VAL B 1 3  ? -1.094 1.296   -6.460 1.00 15.30 ? 3   VAL B HG12 1 
ATOM   284 H HG13 . VAL B 1 3  ? -2.638 1.415   -6.817 1.00 15.30 ? 3   VAL B HG13 1 
ATOM   285 H HG21 . VAL B 1 3  ? -2.020 3.756   -8.773 1.00 14.52 ? 3   VAL B HG21 1 
ATOM   286 H HG22 . VAL B 1 3  ? -3.346 3.764   -7.899 1.00 14.52 ? 3   VAL B HG22 1 
ATOM   287 H HG23 . VAL B 1 3  ? -2.296 4.946   -7.758 1.00 14.52 ? 3   VAL B HG23 1 
ATOM   288 N N    . PHE B 1 4  ? -1.915 1.977   -3.621 1.00 9.42  ? 4   PHE B N    1 
ATOM   289 C CA   . PHE B 1 4  ? -1.186 1.278   -2.573 1.00 11.40 ? 4   PHE B CA   1 
ATOM   290 C C    . PHE B 1 4  ? -0.987 -0.178  -2.968 1.00 10.37 ? 4   PHE B C    1 
ATOM   291 O O    . PHE B 1 4  ? -1.856 -0.787  -3.599 1.00 11.71 ? 4   PHE B O    1 
ATOM   292 C CB   . PHE B 1 4  ? -1.962 1.318   -1.258 1.00 11.26 ? 4   PHE B CB   1 
ATOM   293 C CG   . PHE B 1 4  ? -1.957 2.656   -0.592 1.00 10.27 ? 4   PHE B CG   1 
ATOM   294 C CD1  . PHE B 1 4  ? -2.834 3.651   -0.989 1.00 14.41 ? 4   PHE B CD1  1 
ATOM   295 C CD2  . PHE B 1 4  ? -1.076 2.917   0.443  1.00 10.38 ? 4   PHE B CD2  1 
ATOM   296 C CE1  . PHE B 1 4  ? -2.822 4.886   -0.369 1.00 11.23 ? 4   PHE B CE1  1 
ATOM   297 C CE2  . PHE B 1 4  ? -1.058 4.144   1.065  1.00 13.31 ? 4   PHE B CE2  1 
ATOM   298 C CZ   . PHE B 1 4  ? -1.932 5.130   0.660  1.00 12.03 ? 4   PHE B CZ   1 
ATOM   299 H H    . PHE B 1 4  ? -2.717 1.684   -3.728 1.00 11.48 ? 4   PHE B H    1 
ATOM   300 H HA   . PHE B 1 4  ? -0.319 1.697   -2.454 1.00 13.85 ? 4   PHE B HA   1 
ATOM   301 H HB2  . PHE B 1 4  ? -2.886 1.079   -1.434 1.00 13.68 ? 4   PHE B HB2  1 
ATOM   302 H HB3  . PHE B 1 4  ? -1.567 0.680   -0.643 1.00 13.68 ? 4   PHE B HB3  1 
ATOM   303 H HD1  . PHE B 1 4  ? -3.436 3.488   -1.680 1.00 17.46 ? 4   PHE B HD1  1 
ATOM   304 H HD2  . PHE B 1 4  ? -0.488 2.254   0.722  1.00 12.62 ? 4   PHE B HD2  1 
ATOM   305 H HE1  . PHE B 1 4  ? -3.411 5.551   -0.643 1.00 13.65 ? 4   PHE B HE1  1 
ATOM   306 H HE2  . PHE B 1 4  ? -0.457 4.309   1.755  1.00 16.14 ? 4   PHE B HE2  1 
ATOM   307 H HZ   . PHE B 1 4  ? -1.924 5.961   1.079  1.00 14.61 ? 4   PHE B HZ   1 
ATOM   308 N N    . PHE B 1 5  ? 0.159  -0.733  -2.590 1.00 11.71 ? 5   PHE B N    1 
ATOM   309 C CA   . PHE B 1 5  ? 0.437  -2.149  -2.759 1.00 12.38 ? 5   PHE B CA   1 
ATOM   310 C C    . PHE B 1 5  ? 0.771  -2.768  -1.411 1.00 13.04 ? 5   PHE B C    1 
ATOM   311 O O    . PHE B 1 5  ? 1.541  -2.199  -0.629 1.00 11.85 ? 5   PHE B O    1 
ATOM   312 C CB   . PHE B 1 5  ? 1.609  -2.383  -3.715 1.00 13.60 ? 5   PHE B CB   1 
ATOM   313 C CG   . PHE B 1 5  ? 1.205  -2.500  -5.155 1.00 19.24 ? 5   PHE B CG   1 
ATOM   314 C CD1  . PHE B 1 5  ? 0.493  -1.485  -5.771 1.00 32.22 ? 5   PHE B CD1  1 
ATOM   315 C CD2  . PHE B 1 5  ? 1.544  -3.621  -5.899 1.00 24.90 ? 5   PHE B CD2  1 
ATOM   316 C CE1  . PHE B 1 5  ? 0.122  -1.586  -7.102 1.00 22.77 ? 5   PHE B CE1  1 
ATOM   317 C CE2  . PHE B 1 5  ? 1.176  -3.724  -7.229 1.00 31.38 ? 5   PHE B CE2  1 
ATOM   318 C CZ   . PHE B 1 5  ? 0.464  -2.703  -7.829 1.00 21.58 ? 5   PHE B CZ   1 
ATOM   319 H H    . PHE B 1 5  ? 0.804  -0.296  -2.224 1.00 14.22 ? 5   PHE B H    1 
ATOM   320 H HA   . PHE B 1 5  ? -0.355 -2.578  -3.121 1.00 15.03 ? 5   PHE B HA   1 
ATOM   321 H HB2  . PHE B 1 5  ? 2.224  -1.638  -3.640 1.00 16.49 ? 5   PHE B HB2  1 
ATOM   322 H HB3  . PHE B 1 5  ? 2.054  -3.208  -3.465 1.00 16.49 ? 5   PHE B HB3  1 
ATOM   323 H HD1  . PHE B 1 5  ? 0.259  -0.727  -5.285 1.00 38.83 ? 5   PHE B HD1  1 
ATOM   324 H HD2  . PHE B 1 5  ? 2.025  -4.309  -5.500 1.00 30.05 ? 5   PHE B HD2  1 
ATOM   325 H HE1  . PHE B 1 5  ? -0.357 -0.899  -7.505 1.00 27.49 ? 5   PHE B HE1  1 
ATOM   326 H HE2  . PHE B 1 5  ? 1.407  -4.480  -7.718 1.00 37.83 ? 5   PHE B HE2  1 
ATOM   327 H HZ   . PHE B 1 5  ? 0.216  -2.772  -8.723 1.00 26.07 ? 5   PHE B HZ   1 
ATOM   328 N N    . ALA B 1 6  ? 0.174  -3.919  -1.144 1.00 11.35 ? 6   ALA B N    1 
ATOM   329 C CA   . ALA B 1 6  ? 0.586  -4.824  -0.088 1.00 12.62 ? 6   ALA B CA   1 
ATOM   330 C C    . ALA B 1 6  ? 0.917  -6.160  -0.740 1.00 12.59 ? 6   ALA B C    1 
ATOM   331 O O    . ALA B 1 6  ? 0.820  -6.327  -1.960 1.00 11.18 ? 6   ALA B O    1 
ATOM   332 C CB   . ALA B 1 6  ? -0.508 -4.981  0.972  1.00 11.93 ? 6   ALA B CB   1 
ATOM   333 H H    . ALA B 1 6  ? -0.504 -4.210  -1.585 1.00 13.79 ? 6   ALA B H    1 
ATOM   334 H HA   . ALA B 1 6  ? 1.368  -4.474  0.365  1.00 15.31 ? 6   ALA B HA   1 
ATOM   335 H HB1  . ALA B 1 6  ? -0.197 -5.592  1.658  1.00 14.48 ? 6   ALA B HB1  1 
ATOM   336 H HB2  . ALA B 1 6  ? -0.697 -4.113  1.363  1.00 14.48 ? 6   ALA B HB2  1 
ATOM   337 H HB3  . ALA B 1 6  ? -1.307 -5.335  0.552  1.00 14.48 ? 6   ALA B HB3  1 
ATOM   338 N N    . GLU B 1 7  ? 1.320  -7.114  0.085  1.00 11.84 ? 7   GLU B N    1 
ATOM   339 C CA   . GLU B 1 7  ? 1.530  -8.479  -0.362 1.00 16.28 ? 7   GLU B CA   1 
ATOM   340 C C    . GLU B 1 7  ? 1.055  -9.407  0.738  1.00 17.22 ? 7   GLU B C    1 
ATOM   341 O O    . GLU B 1 7  ? 1.103  -9.069  1.925  1.00 15.35 ? 7   GLU B O    1 
ATOM   342 C CB   . GLU B 1 7  ? 2.994  -8.767  -0.732 1.00 19.36 ? 7   GLU B CB   1 
ATOM   343 C CG   . GLU B 1 7  ? 3.962  -8.828  0.447  1.00 22.72 ? 7   GLU B CG   1 
ATOM   344 C CD   . GLU B 1 7  ? 4.054  -10.201 1.096  1.00 29.93 ? 7   GLU B CD   1 
ATOM   345 O OE1  . GLU B 1 7  ? 4.163  -11.210 0.365  1.00 34.42 ? 7   GLU B OE1  1 
ATOM   346 O OE2  . GLU B 1 7  ? 4.043  -10.262 2.344  1.00 20.98 ? 7   GLU B OE2  1 
ATOM   347 H H    . GLU B 1 7  ? 1.481  -6.992  0.921  1.00 14.38 ? 7   GLU B H    1 
ATOM   348 H HA   . GLU B 1 7  ? 1.011  -8.652  -1.163 1.00 19.71 ? 7   GLU B HA   1 
ATOM   349 H HB2  . GLU B 1 7  ? 3.034  -9.624  -1.185 1.00 23.41 ? 7   GLU B HB2  1 
ATOM   350 H HB3  . GLU B 1 7  ? 3.304  -8.064  -1.325 1.00 23.41 ? 7   GLU B HB3  1 
ATOM   351 H HG2  . GLU B 1 7  ? 4.849  -8.588  0.136  1.00 27.44 ? 7   GLU B HG2  1 
ATOM   352 H HG3  . GLU B 1 7  ? 3.667  -8.200  1.125  1.00 27.44 ? 7   GLU B HG3  1 
ATOM   353 N N    . ASP B 1 8  ? 0.576  -10.572 0.332  1.00 16.79 ? 8   ASP B N    1 
ATOM   354 C CA   . ASP B 1 8  ? 0.132  -11.559 1.287  1.00 17.29 ? 8   ASP B CA   1 
ATOM   355 C C    . ASP B 1 8  ? 0.365  -12.938 0.705  1.00 24.71 ? 8   ASP B C    1 
ATOM   356 O O    . ASP B 1 8  ? -0.091 -13.241 -0.400 1.00 21.64 ? 8   ASP B O    1 
ATOM   357 C CB   . ASP B 1 8  ? -1.344 -11.377 1.592  1.00 19.23 ? 8   ASP B CB   1 
ATOM   358 C CG   . ASP B 1 8  ? -1.821 -12.308 2.681  1.00 36.57 ? 8   ASP B CG   1 
ATOM   359 O OD1  . ASP B 1 8  ? -1.452 -12.087 3.858  1.00 37.14 ? 8   ASP B OD1  1 
ATOM   360 O OD2  . ASP B 1 8  ? -2.538 -13.278 2.358  1.00 44.24 ? 8   ASP B OD2  1 
ATOM   361 H H    . ASP B 1 8  ? 0.500  -10.810 -0.491 1.00 20.31 ? 8   ASP B H    1 
ATOM   362 H HA   . ASP B 1 8  ? 0.618  -11.466 2.122  1.00 20.92 ? 8   ASP B HA   1 
ATOM   363 H HB2  . ASP B 1 8  ? -1.499 -10.465 1.884  1.00 23.25 ? 8   ASP B HB2  1 
ATOM   364 H HB3  . ASP B 1 8  ? -1.859 -11.560 0.790  1.00 23.25 ? 8   ASP B HB3  1 
HETATM 365 N N    . ORN B 1 9  ? 2.364  -16.433 -2.398 1.00 31.56 ? 9   ORN B N    1 
HETATM 366 C CA   . ORN B 1 9  ? 1.903  -15.055 -2.073 1.00 27.17 ? 9   ORN B CA   1 
HETATM 367 C CB   . ORN B 1 9  ? 2.786  -14.429 -0.975 1.00 23.63 ? 9   ORN B CB   1 
HETATM 368 C CG   . ORN B 1 9  ? 2.771  -15.193 0.352  1.00 25.54 ? 9   ORN B CG   1 
HETATM 369 C CD   . ORN B 1 9  ? 1.408  -15.143 1.039  1.00 27.54 ? 9   ORN B CD   1 
HETATM 370 N NE   . ORN B 1 9  ? 1.108  -13.797 1.479  1.00 27.69 ? 9   ORN B NE   1 
HETATM 371 C C    . ORN B 1 9  ? 1.929  -14.159 -3.315 1.00 22.96 ? 9   ORN B C    1 
HETATM 372 O O    . ORN B 1 9  ? 2.562  -14.457 -4.329 1.00 24.61 ? 9   ORN B O    1 
HETATM 373 H H    . ORN B 1 9  ? 3.343  -16.612 -2.159 1.00 38.05 ? 9   ORN B H    1 
HETATM 374 H HA   . ORN B 1 9  ? 0.862  -15.167 -1.755 1.00 32.78 ? 9   ORN B HA   1 
HETATM 375 H HB2  . ORN B 1 9  ? 2.425  -13.410 -0.775 1.00 28.53 ? 9   ORN B HB2  1 
HETATM 376 H HB3  . ORN B 1 9  ? 3.824  -14.405 -1.334 1.00 28.53 ? 9   ORN B HB3  1 
HETATM 377 H HG2  . ORN B 1 9  ? 3.040  -16.239 0.165  1.00 30.83 ? 9   ORN B HG2  1 
HETATM 378 H HG3  . ORN B 1 9  ? 3.525  -14.763 1.020  1.00 30.83 ? 9   ORN B HG3  1 
HETATM 379 H HD2  . ORN B 1 9  ? 0.639  -15.468 0.332  1.00 33.23 ? 9   ORN B HD2  1 
HETATM 380 H HD3  . ORN B 1 9  ? 1.422  -15.808 1.908  1.00 33.23 ? 9   ORN B HD3  1 
HETATM 381 H HE1  . ORN B 1 9  ? 1.478  -13.534 2.386  1.00 33.41 ? 9   ORN B HE1  1 
HETATM 382 H HN3  . ORN B 1 9  ? 2.295  -16.671 -3.391 1.00 38.05 ? 9   ORN B HN3  1 
ATOM   383 N N    . GLY B 1 10 ? 1.208  -13.002 -3.204 1.00 17.91 ? 10  GLY B N    1 
ATOM   384 C CA   . GLY B 1 10 ? 1.139  -12.050 -4.287 1.00 14.91 ? 10  GLY B CA   1 
ATOM   385 C C    . GLY B 1 10 ? 0.714  -10.678 -3.814 1.00 19.87 ? 10  GLY B C    1 
ATOM   386 O O    . GLY B 1 10 ? 0.538  -10.443 -2.617 1.00 15.20 ? 10  GLY B O    1 
ATOM   387 H H    . GLY B 1 10 ? 0.763  -12.773 -2.505 1.00 21.67 ? 10  GLY B H    1 
ATOM   388 H HA2  . GLY B 1 10 ? 2.011  -11.974 -4.705 1.00 18.06 ? 10  GLY B HA2  1 
ATOM   389 H HA3  . GLY B 1 10 ? 0.499  -12.359 -4.947 1.00 18.06 ? 10  GLY B HA3  1 
ATOM   390 N N    . ALA B 1 11 ? 0.537  -9.777  -4.775 1.00 15.70 ? 11  ALA B N    1 
ATOM   391 C CA   . ALA B 1 11 ? 0.241  -8.388  -4.479 1.00 16.40 ? 11  ALA B CA   1 
ATOM   392 C C    . ALA B 1 11 ? -1.225 -8.200  -4.109 1.00 14.59 ? 11  ALA B C    1 
ATOM   393 O O    . ALA B 1 11 ? -2.116 -8.900  -4.603 1.00 12.87 ? 11  ALA B O    1 
ATOM   394 C CB   . ALA B 1 11 ? 0.576  -7.519  -5.691 1.00 14.59 ? 11  ALA B CB   1 
ATOM   395 H H    . ALA B 1 11 ? 0.585  -9.950  -5.615 1.00 19.01 ? 11  ALA B H    1 
ATOM   396 H HA   . ALA B 1 11 ? 0.775  -8.101  -3.721 1.00 19.85 ? 11  ALA B HA   1 
ATOM   397 H HB1  . ALA B 1 11 ? 0.401  -6.591  -5.471 1.00 17.68 ? 11  ALA B HB1  1 
ATOM   398 H HB2  . ALA B 1 11 ? 1.512  -7.636  -5.913 1.00 17.68 ? 11  ALA B HB2  1 
ATOM   399 H HB3  . ALA B 1 11 ? 0.021  -7.793  -6.438 1.00 17.68 ? 11  ALA B HB3  1 
ATOM   400 N N    . ILE B 1 12 ? -1.459 -7.236  -3.224 1.00 12.34 ? 12  ILE B N    1 
ATOM   401 C CA   . ILE B 1 12 ? -2.795 -6.804  -2.833 1.00 11.89 ? 12  ILE B CA   1 
ATOM   402 C C    . ILE B 1 12 ? -2.880 -5.314  -3.159 1.00 11.92 ? 12  ILE B C    1 
ATOM   403 O O    . ILE B 1 12 ? -2.087 -4.531  -2.635 1.00 12.52 ? 12  ILE B O    1 
ATOM   404 C CB   . ILE B 1 12 ? -3.069 -7.046  -1.327 1.00 12.01 ? 12  ILE B CB   1 
ATOM   405 C CG1  . ILE B 1 12 ? -2.736 -8.490  -0.918 1.00 15.95 ? 12  ILE B CG1  1 
ATOM   406 C CG2  . ILE B 1 12 ? -4.500 -6.632  -0.980 1.00 12.42 ? 12  ILE B CG2  1 
ATOM   407 C CD1  . ILE B 1 12 ? -3.745 -9.512  -1.360 1.00 20.50 ? 12  ILE B CD1  1 
ATOM   408 H H    . ILE B 1 12 ? -0.837 -6.801  -2.820 1.00 14.99 ? 12  ILE B H    1 
ATOM   409 H HA   . ILE B 1 12 ? -3.468 -7.311  -3.315 1.00 14.43 ? 12  ILE B HA   1 
ATOM   410 H HB   . ILE B 1 12 ? -2.475 -6.486  -0.804 1.00 14.58 ? 12  ILE B HB   1 
ATOM   411 H HG12 . ILE B 1 12 ? -1.883 -8.734  -1.309 1.00 19.31 ? 12  ILE B HG12 1 
ATOM   412 H HG13 . ILE B 1 12 ? -2.681 -8.533  0.050  1.00 19.31 ? 12  ILE B HG13 1 
ATOM   413 H HG21 . ILE B 1 12 ? -4.677 -6.854  -0.052 1.00 15.08 ? 12  ILE B HG21 1 
ATOM   414 H HG22 . ILE B 1 12 ? -4.592 -5.675  -1.114 1.00 15.08 ? 12  ILE B HG22 1 
ATOM   415 H HG23 . ILE B 1 12 ? -5.116 -7.107  -1.558 1.00 15.08 ? 12  ILE B HG23 1 
ATOM   416 H HD11 . ILE B 1 12 ? -3.479 -10.383 -1.027 1.00 24.77 ? 12  ILE B HD11 1 
ATOM   417 H HD12 . ILE B 1 12 ? -4.614 -9.271  -1.003 1.00 24.77 ? 12  ILE B HD12 1 
ATOM   418 H HD13 . ILE B 1 12 ? -3.778 -9.524  -2.329 1.00 24.77 ? 12  ILE B HD13 1 
HETATM 419 N N    . IML B 1 13 ? -3.826 -4.908  -4.003 1.00 13.47 ? 13  IML B N    1 
HETATM 420 C CA   . IML B 1 13 ? -3.871 -3.518  -4.429 1.00 11.65 ? 13  IML B CA   1 
HETATM 421 C C    . IML B 1 13 ? -4.912 -2.691  -3.679 1.00 12.26 ? 13  IML B C    1 
HETATM 422 O O    . IML B 1 13 ? -6.068 -3.073  -3.501 1.00 15.57 ? 13  IML B O    1 
HETATM 423 C CB   . IML B 1 13 ? -4.034 -3.316  -5.961 1.00 13.04 ? 13  IML B CB   1 
HETATM 424 C CN   . IML B 1 13 ? -4.951 -5.683  -4.454 1.00 12.02 ? 13  IML B CN   1 
HETATM 425 C CG2  . IML B 1 13 ? -4.063 -1.842  -6.324 1.00 13.56 ? 13  IML B CG2  1 
HETATM 426 C CG1  . IML B 1 13 ? -2.926 -4.049  -6.715 1.00 16.26 ? 13  IML B CG1  1 
HETATM 427 C CD1  . IML B 1 13 ? -3.187 -4.099  -8.195 1.00 18.69 ? 13  IML B CD1  1 
HETATM 428 H HA   . IML B 1 13 ? -2.858 -3.068  -4.190 1.00 14.15 ? 13  IML B HA   1 
HETATM 429 H HB   . IML B 1 13 ? -5.020 -3.781  -6.245 1.00 15.82 ? 13  IML B HB   1 
HETATM 430 H HN1  . IML B 1 13 ? -4.611 -6.336  -5.301 1.00 14.60 ? 13  IML B HN1  1 
HETATM 431 H HN2  . IML B 1 13 ? -5.314 -6.307  -3.595 1.00 14.60 ? 13  IML B HN2  1 
HETATM 432 H HN3  . IML B 1 13 ? -5.752 -4.977  -4.796 1.00 14.60 ? 13  IML B HN3  1 
HETATM 433 H HG21 . IML B 1 13 ? -5.022 -1.371  -5.994 1.00 16.45 ? 13  IML B HG21 1 
HETATM 434 H HG22 . IML B 1 13 ? -3.970 -1.703  -7.430 1.00 16.45 ? 13  IML B HG22 1 
HETATM 435 H HG23 . IML B 1 13 ? -3.220 -1.295  -5.833 1.00 16.45 ? 13  IML B HG23 1 
HETATM 436 H HG12 . IML B 1 13 ? -1.939 -3.542  -6.534 1.00 19.69 ? 13  IML B HG12 1 
HETATM 437 H HG13 . IML B 1 13 ? -2.825 -5.096  -6.324 1.00 19.69 ? 13  IML B HG13 1 
HETATM 438 H HD11 . IML B 1 13 ? -2.555 -4.891  -8.667 1.00 22.61 ? 13  IML B HD11 1 
HETATM 439 H HD12 . IML B 1 13 ? -4.263 -4.332  -8.384 1.00 22.61 ? 13  IML B HD12 1 
HETATM 440 H HD13 . IML B 1 13 ? -2.941 -3.113  -8.659 1.00 22.61 ? 13  IML B HD13 1 
ATOM   441 N N    . GLY B 1 14 ? -4.475 -1.525  -3.217 1.00 10.09 ? 14  GLY B N    1 
ATOM   442 C CA   . GLY B 1 14 ? -5.362 -0.580  -2.567 1.00 11.41 ? 14  GLY B CA   1 
ATOM   443 C C    . GLY B 1 14 ? -5.501 0.724   -3.343 1.00 11.74 ? 14  GLY B C    1 
ATOM   444 O O    . GLY B 1 14 ? -4.553 1.184   -3.986 1.00 11.98 ? 14  GLY B O    1 
ATOM   445 H H    . GLY B 1 14 ? -3.658 -1.258  -3.269 1.00 12.28 ? 14  GLY B H    1 
ATOM   446 H HA2  . GLY B 1 14 ? -6.243 -0.977  -2.478 1.00 13.86 ? 14  GLY B HA2  1 
ATOM   447 H HA3  . GLY B 1 14 ? -5.019 -0.374  -1.684 1.00 13.86 ? 14  GLY B HA3  1 
ATOM   448 N N    . LEU B 1 15 ? -6.700 1.299   -3.304 1.00 10.44 ? 15  LEU B N    1 
ATOM   449 C CA   . LEU B 1 15 ? -6.958 2.603   -3.899 1.00 10.36 ? 15  LEU B CA   1 
ATOM   450 C C    . LEU B 1 15 ? -7.527 3.527   -2.821 1.00 12.35 ? 15  LEU B C    1 
ATOM   451 O O    . LEU B 1 15 ? -8.574 3.219   -2.244 1.00 12.98 ? 15  LEU B O    1 
ATOM   452 C CB   . LEU B 1 15 ? -7.970 2.478   -5.033 1.00 13.25 ? 15  LEU B CB   1 
ATOM   453 C CG   . LEU B 1 15 ? -7.650 1.452   -6.117 1.00 15.31 ? 15  LEU B CG   1 
ATOM   454 C CD1  . LEU B 1 15 ? -8.765 1.419   -7.148 1.00 16.42 ? 15  LEU B CD1  1 
ATOM   455 C CD2  . LEU B 1 15 ? -6.326 1.765   -6.783 1.00 14.61 ? 15  LEU B CD2  1 
ATOM   456 H H    . LEU B 1 15 ? -7.391 0.946   -2.932 1.00 12.70 ? 15  LEU B H    1 
ATOM   457 H HA   . LEU B 1 15 ? -6.141 2.975   -4.264 1.00 12.60 ? 15  LEU B HA   1 
ATOM   458 H HB2  . LEU B 1 15 ? -8.824 2.230   -4.648 1.00 16.07 ? 15  LEU B HB2  1 
ATOM   459 H HB3  . LEU B 1 15 ? -8.040 3.341   -5.469 1.00 16.07 ? 15  LEU B HB3  1 
ATOM   460 H HG   . LEU B 1 15 ? -7.577 0.575   -5.710 1.00 18.54 ? 15  LEU B HG   1 
ATOM   461 H HD11 . LEU B 1 15 ? -8.569 0.731   -7.803 1.00 19.87 ? 15  LEU B HD11 1 
ATOM   462 H HD12 . LEU B 1 15 ? -9.603 1.222   -6.701 1.00 19.87 ? 15  LEU B HD12 1 
ATOM   463 H HD13 . LEU B 1 15 ? -8.819 2.285   -7.583 1.00 19.87 ? 15  LEU B HD13 1 
ATOM   464 H HD21 . LEU B 1 15 ? -6.169 1.121   -7.492 1.00 17.71 ? 15  LEU B HD21 1 
ATOM   465 H HD22 . LEU B 1 15 ? -6.362 2.661   -7.152 1.00 17.71 ? 15  LEU B HD22 1 
ATOM   466 H HD23 . LEU B 1 15 ? -5.618 1.708   -6.123 1.00 17.71 ? 15  LEU B HD23 1 
HETATM 467 N N    . MET C 2 .  ? -3.113 -1.227  7.759  1.00 13.40 ? 101 MET A N    1 
HETATM 468 C CA   . MET C 2 .  ? -4.526 -1.528  7.587  1.00 11.89 ? 101 MET A CA   1 
HETATM 469 C C    . MET C 2 .  ? -4.968 -2.878  8.139  1.00 14.53 ? 101 MET A C    1 
HETATM 470 O O    . MET C 2 .  ? -4.939 -3.906  7.461  1.00 12.70 ? 101 MET A O    1 
HETATM 471 C CB   . MET C 2 .  ? -4.851 -1.400  6.098  1.00 10.65 ? 101 MET A CB   1 
HETATM 472 C CG   . MET C 2 .  ? -4.252 -0.132  5.470  1.00 11.00 ? 101 MET A CG   1 
HETATM 473 S SD   . MET C 2 .  ? -4.646 1.425   6.316  1.00 12.72 ? 101 MET A SD   1 
HETATM 474 C CE   . MET C 2 .  ? -6.372 1.596   5.902  1.00 15.59 ? 101 MET A CE   1 
HETATM 475 H H    . MET C 2 .  ? -2.616 -1.515  7.116  1.00 16.26 ? 101 MET A H    1 
HETATM 476 H HA   . MET C 2 .  ? -5.041 -0.886  8.102  1.00 14.44 ? 101 MET A HA   1 
HETATM 477 H HB2  . MET C 2 .  ? -4.488 -2.168  5.629  1.00 12.95 ? 101 MET A HB2  1 
HETATM 478 H HB3  . MET C 2 .  ? -5.813 -1.366  5.986  1.00 12.95 ? 101 MET A HB3  1 
HETATM 479 H HG2  . MET C 2 .  ? -3.286 -0.220  5.464  1.00 13.37 ? 101 MET A HG2  1 
HETATM 480 H HG3  . MET C 2 .  ? -4.583 -0.056  4.561  1.00 13.37 ? 101 MET A HG3  1 
HETATM 481 H HE1  . MET C 2 .  ? -6.717 2.406   6.311  1.00 18.88 ? 101 MET A HE1  1 
HETATM 482 H HE2  . MET C 2 .  ? -6.462 1.649   4.938  1.00 18.88 ? 101 MET A HE2  1 
HETATM 483 H HE3  . MET C 2 .  ? -6.856 0.825   6.237  1.00 18.88 ? 101 MET A HE3  1 
HETATM 484 C C1   . TFA D 3 .  ? 3.906  4.771   9.865  1.00 51.92 ? 102 TFA A C1   1 
HETATM 485 C C2   . TFA D 3 .  ? 2.529  5.416   10.009 1.00 52.80 ? 102 TFA A C2   1 
HETATM 486 O O    . TFA D 3 .  ? 4.097  3.543   10.076 1.00 49.85 ? 102 TFA A O    1 
HETATM 487 F F1   . TFA D 3 .  ? 2.658  6.470   10.870 1.00 58.03 ? 102 TFA A F1   1 
HETATM 488 F F2   . TFA D 3 .  ? 2.170  5.866   8.772  1.00 40.92 ? 102 TFA A F2   1 
HETATM 489 F F3   . TFA D 3 .  ? 1.577  4.554   10.480 1.00 40.75 ? 102 TFA A F3   1 
HETATM 490 O OXT  . TFA D 3 .  ? 4.861  5.512   9.516  1.00 39.25 ? 102 TFA A OXT  1 
HETATM 491 C C1   . TFA E 3 .  ? -4.289 -0.614  15.167 1.00 41.31 ? 103 TFA A C1   1 
HETATM 492 C C2   . TFA E 3 .  ? -3.853 -1.804  14.309 1.00 48.02 ? 103 TFA A C2   1 
HETATM 493 O O    . TFA E 3 .  ? -4.890 -0.784  16.264 1.00 44.67 ? 103 TFA A O    1 
HETATM 494 F F1   . TFA E 3 .  ? -2.980 -2.575  15.025 1.00 55.75 ? 103 TFA A F1   1 
HETATM 495 F F2   . TFA E 3 .  ? -4.943 -2.558  13.983 1.00 41.33 ? 103 TFA A F2   1 
HETATM 496 F F3   . TFA E 3 .  ? -3.247 -1.350  13.165 1.00 37.20 ? 103 TFA A F3   1 
HETATM 497 O OXT  . TFA E 3 .  ? -4.040 0.550   14.767 1.00 53.25 ? 103 TFA A OXT  1 
HETATM 498 N N    . MET F 2 .  ? -6.862 4.647   -2.558 1.00 12.33 ? 101 MET B N    1 
HETATM 499 C CA   . MET F 2 .  ? -7.388 5.547   -1.534 1.00 13.40 ? 101 MET B CA   1 
HETATM 500 C C    . MET F 2 .  ? -7.305 7.007   -1.955 1.00 11.20 ? 101 MET B C    1 
HETATM 501 O O    . MET F 2 .  ? -6.223 7.583   -2.046 1.00 11.58 ? 101 MET B O    1 
HETATM 502 C CB   . MET F 2 .  ? -6.624 5.386   -0.230 1.00 14.90 ? 101 MET B CB   1 
HETATM 503 C CG   . MET F 2 .  ? -7.247 6.157   0.909  1.00 18.36 ? 101 MET B CG   1 
HETATM 504 S SD   . MET F 2 .  ? -6.212 6.105   2.363  1.00 21.44 ? 101 MET B SD   1 
HETATM 505 C CE   . MET F 2 .  ? -6.674 4.515   3.052  1.00 19.27 ? 101 MET B CE   1 
HETATM 506 H H    . MET F 2 .  ? -6.132 4.919   -2.922 1.00 14.96 ? 101 MET B H    1 
HETATM 507 H HA   . MET F 2 .  ? -8.318 5.307   -1.393 1.00 16.26 ? 101 MET B HA   1 
HETATM 508 H HB2  . MET F 2 .  ? -6.612 4.447   0.015  1.00 18.05 ? 101 MET B HB2  1 
HETATM 509 H HB3  . MET F 2 .  ? -5.719 5.709   -0.351 1.00 18.05 ? 101 MET B HB3  1 
HETATM 510 H HG2  . MET F 2 .  ? -7.361 7.084   0.646  1.00 22.20 ? 101 MET B HG2  1 
HETATM 511 H HG3  . MET F 2 .  ? -8.107 5.767   1.130  1.00 22.20 ? 101 MET B HG3  1 
HETATM 512 H HE1  . MET F 2 .  ? -6.293 4.432   3.940  1.00 23.29 ? 101 MET B HE1  1 
HETATM 513 H HE2  . MET F 2 .  ? -7.642 4.462   3.102  1.00 23.29 ? 101 MET B HE2  1 
HETATM 514 H HE3  . MET F 2 .  ? -6.334 3.811   2.479  1.00 23.29 ? 101 MET B HE3  1 
HETATM 515 C C1   . TFA G 3 .  ? 4.772  -8.324  -5.816 1.00 40.53 ? 102 TFA B C1   1 
HETATM 516 C C2   . TFA G 3 .  ? 5.112  -9.792  -5.548 1.00 47.82 ? 102 TFA B C2   1 
HETATM 517 O O    . TFA G 3 .  ? 4.097  -7.674  -4.977 1.00 45.81 ? 102 TFA B O    1 
HETATM 518 F F1   . TFA G 3 .  ? 6.467  -9.924  -5.451 1.00 53.05 ? 102 TFA B F1   1 
HETATM 519 F F2   . TFA G 3 .  ? 4.520  -10.193 -4.382 1.00 47.35 ? 102 TFA B F2   1 
HETATM 520 F F3   . TFA G 3 .  ? 4.650  -10.572 -6.570 1.00 44.46 ? 102 TFA B F3   1 
HETATM 521 O OXT  . TFA G 3 .  ? 5.168  -7.762  -6.874 1.00 41.35 ? 102 TFA B OXT  1 
HETATM 522 C C1   . PEG H 4 .  ? 3.512  -5.651  2.321  1.00 27.52 ? 103 PEG B C1   1 
HETATM 523 O O1   . PEG H 4 .  ? 2.142  -5.919  2.552  1.00 16.70 ? 103 PEG B O1   1 
HETATM 524 C C2   . PEG H 4 .  ? 3.833  -5.517  0.866  1.00 32.25 ? 103 PEG B C2   1 
HETATM 525 O O2   . PEG H 4 .  ? 5.241  -5.435  0.706  1.00 37.43 ? 103 PEG B O2   1 
HETATM 526 C C3   . PEG H 4 .  ? 5.659  -4.175  0.203  1.00 42.60 ? 103 PEG B C3   1 
HETATM 527 C C4   . PEG H 4 .  ? 5.271  -4.046  -1.239 1.00 32.56 ? 103 PEG B C4   1 
HETATM 528 O O4   . PEG H 4 .  ? 5.111  -5.322  -1.830 1.00 35.99 ? 103 PEG B O4   1 
HETATM 529 H H11  . PEG H 4 .  ? 3.746  -4.823  2.768  1.00 33.20 ? 103 PEG B H11  1 
HETATM 530 H H12  . PEG H 4 .  ? 4.037  -6.377  2.689  1.00 33.20 ? 103 PEG B H12  1 
HETATM 531 H HO1  . PEG H 4 .  ? 1.898  -6.715  2.404  1.00 20.21 ? 103 PEG B HO1  1 
HETATM 532 H H21  . PEG H 4 .  ? 3.496  -6.289  0.385  1.00 38.87 ? 103 PEG B H21  1 
HETATM 533 H H22  . PEG H 4 .  ? 3.419  -4.713  0.514  1.00 38.87 ? 103 PEG B H22  1 
HETATM 534 H H31  . PEG H 4 .  ? 5.235  -3.468  0.714  1.00 51.29 ? 103 PEG B H31  1 
HETATM 535 H H32  . PEG H 4 .  ? 6.622  -4.100  0.285  1.00 51.29 ? 103 PEG B H32  1 
HETATM 536 H H41  . PEG H 4 .  ? 5.964  -3.560  -1.713 1.00 39.24 ? 103 PEG B H41  1 
HETATM 537 H H42  . PEG H 4 .  ? 4.436  -3.560  -1.301 1.00 39.24 ? 103 PEG B H42  1 
HETATM 538 H HO4  . PEG H 4 .  ? 4.413  -5.394  -2.311 1.00 43.36 ? 103 PEG B HO4  1 
HETATM 539 O O    . HOH I 5 .  ? 5.577  7.320   10.592 1.00 41.20 ? 201 HOH A O    1 
HETATM 540 O O    . HOH I 5 .  ? -3.624 -1.670  18.103 1.00 69.31 ? 202 HOH A O    1 
HETATM 541 O O    . HOH I 5 .  ? -6.036 -2.909  16.377 1.00 37.90 ? 203 HOH A O    1 
HETATM 542 O O    . HOH I 5 .  ? 0.815  12.278  -5.213 1.00 26.95 ? 204 HOH A O    1 
HETATM 543 O O    . HOH I 5 .  ? -5.858 -5.141  5.307  1.00 23.58 ? 205 HOH A O    1 
HETATM 544 O O    . HOH I 5 .  ? 11.902 12.392  -4.134 1.00 34.19 ? 206 HOH A O    1 
HETATM 545 O O    . HOH I 5 .  ? 9.224  15.532  -2.770 1.00 33.14 ? 207 HOH A O    1 
HETATM 546 O O    . HOH I 5 .  ? 13.370 11.132  -1.626 1.00 56.95 ? 208 HOH A O    1 
HETATM 547 O O    . HOH I 5 .  ? -4.197 -9.180  7.824  1.00 22.88 ? 209 HOH A O    1 
HETATM 548 O O    . HOH I 5 .  ? 4.422  9.442   -9.519 1.00 29.24 ? 210 HOH A O    1 
HETATM 549 O O    . HOH I 5 .  ? 6.223  5.143   -8.568 1.00 21.28 ? 211 HOH A O    1 
HETATM 550 O O    . HOH I 5 .  ? 4.721  10.964  -7.104 1.00 38.16 ? 212 HOH A O    1 
HETATM 551 O O    . HOH I 5 .  ? -6.116 -7.345  6.435  1.00 28.25 ? 213 HOH A O    1 
HETATM 552 O O    . HOH I 5 .  ? 3.384  1.299   -5.141 1.00 33.10 ? 214 HOH A O    1 
HETATM 553 O O    . HOH I 5 .  ? -5.779 -5.306  15.075 1.00 38.91 ? 215 HOH A O    1 
HETATM 554 O O    . HOH I 5 .  ? -6.591 -8.024  4.343  1.00 42.87 ? 216 HOH A O    1 
HETATM 555 O O    . HOH I 5 .  ? -7.717 -9.645  5.054  0.50 44.11 ? 217 HOH A O    1 
HETATM 556 O O    . HOH J 5 .  ? 2.286  -18.325 -1.059 1.00 58.27 ? 201 HOH B O    1 
HETATM 557 O O    . HOH J 5 .  ? 3.355  -5.850  -3.511 1.00 29.24 ? 202 HOH B O    1 
HETATM 558 O O    . HOH J 5 .  ? 3.042  -12.310 3.502  1.00 33.64 ? 203 HOH B O    1 
HETATM 559 O O    . HOH J 5 .  ? 5.955  -13.098 1.082  1.00 39.70 ? 204 HOH B O    1 
HETATM 560 O O    . HOH J 5 .  ? 1.836  4.827   -5.171 1.00 13.18 ? 205 HOH B O    1 
HETATM 561 O O    . HOH J 5 .  ? 6.323  -12.490 -0.809 1.00 50.22 ? 206 HOH B O    1 
HETATM 562 O O    . HOH J 5 .  ? -0.595 -14.079 5.742  1.00 48.96 ? 207 HOH B O    1 
HETATM 563 O O    . HOH J 5 .  ? 5.288  -14.369 -3.367 1.00 51.36 ? 208 HOH B O    1 
HETATM 564 O O    . HOH J 5 .  ? 5.141  -10.899 -2.398 1.00 45.22 ? 209 HOH B O    1 
HETATM 565 O O    . HOH J 5 .  ? 5.291  -16.338 -2.753 1.00 39.85 ? 210 HOH B O    1 
HETATM 566 O O    . HOH J 5 .  ? -5.027 -9.515  -4.968 1.00 21.11 ? 211 HOH B O    1 
HETATM 567 O O    . HOH J 5 .  ? 1.118  -10.790 4.855  1.00 21.66 ? 212 HOH B O    1 
HETATM 568 O O    . HOH J 5 .  ? -5.383 -10.687 1.776  1.00 42.32 ? 213 HOH B O    1 
HETATM 569 O O    . HOH J 5 .  ? 3.232  2.805   -6.496 1.00 27.52 ? 214 HOH B O    1 
# 
